data_3MJV
#
_entry.id   3MJV
#
_cell.length_a   61.502
_cell.length_b   63.691
_cell.length_c   71.920
_cell.angle_alpha   72.93
_cell.angle_beta   67.21
_cell.angle_gamma   89.76
#
_symmetry.space_group_name_H-M   'P 1'
#
loop_
_entity.id
_entity.type
_entity.pdbx_description
1 polymer AmphB
2 non-polymer 'NADPH DIHYDRO-NICOTINAMIDE-ADENINE-DINUCLEOTIDE PHOSPHATE'
3 water water
#
_entity_poly.entity_id   1
_entity_poly.type   'polypeptide(L)'
_entity_poly.pdbx_seq_one_letter_code
;MGSSHHHHHHSSGLVPRGSHMDALRYHIEWNRVAEPGTARPAGRLLAVISPDHAGAPWVTAVLDALGPDTVRFEAKGTDR
AAWAAQLAQLREDEGEFHAVVSLLAAAEALHTDHGSVPLGLAQTLLLAQALGDAGLTAPLWCLTRGGVAAGRGDVLSSPV
QGALWGLGRVIGLEHPDRWGGLIDLPETVDTRAAARLTGLLADAGGEDQLAIRGSGVLARRLAHAAPAVPGSGKRPPVHG
SVLVTGGTGGIGGRVARRLAEQGAAHLVLTSRRGADAPGAAELRAELEQLGVRVTIAACDAADREALAALLAELPEDAPL
TAVFHSAGVAHDDAPVADLTLGQLDALMRAKLTAARHLHELTADLDLDAFVLFSSGAAVFGSGGQPGYAAANAYLDALAE
HRRSLGLTASSVAWGTWGEVGMATDPEVHDRLVRQGVLAMEPEHALGALDQMLENDDTAAAITLMDWEMFAPAFTANRPS
ALLSTVPEAVSALSDE
;
_entity_poly.pdbx_strand_id   A,B
#
loop_
_chem_comp.id
_chem_comp.type
_chem_comp.name
_chem_comp.formula
NDP non-polymer 'NADPH DIHYDRO-NICOTINAMIDE-ADENINE-DINUCLEOTIDE PHOSPHATE' 'C21 H30 N7 O17 P3'
#
# COMPACT_ATOMS: atom_id res chain seq x y z
N SER A 19 -8.12 13.94 -1.93
CA SER A 19 -7.81 15.26 -1.41
C SER A 19 -6.37 15.68 -1.62
N HIS A 20 -6.24 16.97 -1.69
CA HIS A 20 -4.95 17.61 -1.81
C HIS A 20 -4.16 17.40 -0.53
N MET A 21 -4.84 17.45 0.63
CA MET A 21 -4.11 17.23 1.86
C MET A 21 -3.63 15.80 2.00
N ASP A 22 -4.48 14.83 1.64
CA ASP A 22 -4.04 13.44 1.62
C ASP A 22 -2.76 13.32 0.76
N ALA A 23 -2.67 14.07 -0.31
CA ALA A 23 -1.70 13.80 -1.34
C ALA A 23 -0.35 14.32 -0.84
N LEU A 24 -0.37 15.12 0.20
CA LEU A 24 0.94 15.57 0.83
C LEU A 24 1.49 14.53 1.80
N ARG A 25 0.72 13.52 2.17
CA ARG A 25 1.17 12.61 3.30
C ARG A 25 1.73 11.33 2.74
N TYR A 26 2.87 10.96 3.29
CA TYR A 26 3.57 9.72 2.86
C TYR A 26 4.00 9.01 4.09
N HIS A 27 4.21 7.72 4.00
CA HIS A 27 4.76 7.10 5.12
C HIS A 27 5.76 6.01 4.73
N ILE A 28 6.69 5.81 5.64
CA ILE A 28 7.67 4.75 5.50
C ILE A 28 7.13 3.41 5.90
N GLU A 29 7.38 2.41 5.04
CA GLU A 29 6.96 1.03 5.29
C GLU A 29 8.19 0.18 5.09
N TRP A 30 8.13 -1.08 5.54
CA TRP A 30 9.24 -2.04 5.40
C TRP A 30 8.66 -3.27 4.75
N ASN A 31 9.18 -3.57 3.56
CA ASN A 31 8.61 -4.65 2.79
C ASN A 31 9.65 -5.76 2.69
N ARG A 32 9.14 -6.98 2.58
CA ARG A 32 10.03 -8.16 2.38
C ARG A 32 10.86 -8.06 1.07
N VAL A 33 12.15 -8.42 1.09
CA VAL A 33 12.96 -8.51 -0.10
C VAL A 33 13.51 -9.95 -0.21
N ALA A 34 14.30 -10.16 -1.22
CA ALA A 34 14.82 -11.57 -1.56
C ALA A 34 15.72 -12.12 -0.46
N GLU A 35 15.61 -13.40 -0.16
CA GLU A 35 16.67 -14.03 0.66
C GLU A 35 18.02 -13.84 -0.08
N PRO A 36 19.10 -13.40 0.59
CA PRO A 36 20.38 -13.27 -0.11
C PRO A 36 21.00 -14.64 -0.38
N GLY A 37 22.03 -14.64 -1.19
CA GLY A 37 22.79 -15.84 -1.46
C GLY A 37 23.49 -16.39 -0.25
N THR A 38 24.05 -17.55 -0.47
CA THR A 38 24.64 -18.34 0.64
C THR A 38 26.15 -18.21 0.83
N ALA A 39 26.82 -17.51 -0.08
CA ALA A 39 28.26 -17.35 -0.12
C ALA A 39 28.61 -16.04 0.55
N ARG A 40 29.64 -16.08 1.35
CA ARG A 40 30.12 -14.83 1.95
C ARG A 40 30.93 -14.09 0.86
N PRO A 41 31.29 -12.85 1.15
CA PRO A 41 32.09 -12.09 0.18
C PRO A 41 33.43 -12.78 -0.12
N ALA A 42 33.81 -12.83 -1.38
CA ALA A 42 35.09 -13.45 -1.73
C ALA A 42 36.33 -12.68 -1.21
N GLY A 43 36.32 -11.35 -1.42
CA GLY A 43 37.42 -10.46 -0.99
C GLY A 43 37.35 -10.23 0.54
N ARG A 44 38.29 -9.44 1.03
CA ARG A 44 38.48 -9.27 2.47
C ARG A 44 37.63 -8.11 3.01
N LEU A 45 36.91 -8.33 4.12
CA LEU A 45 36.17 -7.23 4.75
C LEU A 45 37.05 -6.49 5.71
N LEU A 46 36.76 -5.19 5.88
CA LEU A 46 37.36 -4.39 6.93
C LEU A 46 36.32 -4.02 7.93
N ALA A 47 36.47 -4.50 9.16
CA ALA A 47 35.48 -4.16 10.22
C ALA A 47 36.01 -3.02 11.08
N VAL A 48 35.15 -2.04 11.34
CA VAL A 48 35.57 -0.87 12.15
C VAL A 48 34.81 -0.92 13.49
N ILE A 49 35.52 -0.87 14.61
CA ILE A 49 35.03 -1.11 15.96
C ILE A 49 35.31 0.15 16.78
N SER A 50 34.37 0.53 17.62
CA SER A 50 34.62 1.58 18.66
C SER A 50 35.15 0.87 19.88
N PRO A 51 36.42 1.09 20.21
CA PRO A 51 37.04 0.16 21.16
C PRO A 51 36.50 0.24 22.57
N ASP A 52 35.90 1.36 23.01
CA ASP A 52 35.27 1.33 24.34
C ASP A 52 33.82 0.79 24.28
N HIS A 53 33.34 0.44 23.08
CA HIS A 53 31.91 0.09 22.93
C HIS A 53 31.86 -1.08 21.96
N ALA A 54 32.56 -2.16 22.32
CA ALA A 54 32.69 -3.34 21.51
C ALA A 54 32.09 -4.56 22.18
N GLY A 55 31.42 -4.34 23.29
CA GLY A 55 30.94 -5.46 24.08
C GLY A 55 29.52 -5.89 23.92
N ALA A 56 28.70 -5.13 23.15
CA ALA A 56 27.30 -5.45 23.05
C ALA A 56 27.17 -6.81 22.35
N PRO A 57 26.17 -7.61 22.75
CA PRO A 57 26.00 -8.90 22.08
C PRO A 57 25.93 -8.87 20.57
N TRP A 58 25.19 -7.93 19.99
CA TRP A 58 25.17 -7.92 18.59
C TRP A 58 26.53 -7.59 17.92
N VAL A 59 27.33 -6.80 18.63
CA VAL A 59 28.66 -6.48 18.09
C VAL A 59 29.51 -7.77 18.02
N THR A 60 29.54 -8.56 19.11
CA THR A 60 30.31 -9.76 19.08
C THR A 60 29.73 -10.76 18.08
N ALA A 61 28.38 -10.76 17.91
CA ALA A 61 27.79 -11.67 16.93
C ALA A 61 28.14 -11.34 15.51
N VAL A 62 28.20 -10.03 15.23
CA VAL A 62 28.60 -9.59 13.89
C VAL A 62 30.06 -9.92 13.63
N LEU A 63 30.96 -9.59 14.58
CA LEU A 63 32.38 -9.89 14.37
C LEU A 63 32.55 -11.38 14.15
N ASP A 64 31.79 -12.17 14.89
CA ASP A 64 31.87 -13.69 14.72
C ASP A 64 31.42 -14.05 13.33
N ALA A 65 30.37 -13.35 12.83
CA ALA A 65 29.84 -13.76 11.52
C ALA A 65 30.77 -13.33 10.40
N LEU A 66 31.51 -12.26 10.61
CA LEU A 66 32.41 -11.79 9.57
C LEU A 66 33.66 -12.69 9.41
N GLY A 67 33.91 -13.49 10.45
CA GLY A 67 35.01 -14.49 10.36
C GLY A 67 36.39 -13.94 10.66
N PRO A 68 37.34 -14.87 10.96
CA PRO A 68 38.57 -14.34 11.54
C PRO A 68 39.56 -13.77 10.58
N ASP A 69 39.31 -14.00 9.29
CA ASP A 69 40.06 -13.40 8.21
C ASP A 69 39.75 -11.93 8.04
N THR A 70 38.60 -11.47 8.51
CA THR A 70 38.27 -10.02 8.41
C THR A 70 39.29 -9.14 9.15
N VAL A 71 39.73 -8.07 8.55
CA VAL A 71 40.71 -7.19 9.19
C VAL A 71 39.92 -6.29 10.15
N ARG A 72 40.47 -5.95 11.31
CA ARG A 72 39.78 -5.17 12.32
C ARG A 72 40.50 -3.90 12.55
N PHE A 73 39.77 -2.77 12.48
CA PHE A 73 40.31 -1.42 12.71
C PHE A 73 39.56 -0.85 13.91
N GLU A 74 40.28 -0.57 14.98
CA GLU A 74 39.72 0.16 16.14
C GLU A 74 39.80 1.63 15.94
N ALA A 75 38.63 2.28 15.83
CA ALA A 75 38.58 3.70 15.60
C ALA A 75 38.66 4.45 16.96
N LYS A 76 39.83 4.96 17.34
CA LYS A 76 40.00 5.43 18.71
C LYS A 76 39.77 6.92 18.77
N GLY A 77 38.94 7.37 19.73
CA GLY A 77 38.67 8.79 19.86
C GLY A 77 37.92 9.39 18.61
N THR A 78 38.29 10.59 18.28
CA THR A 78 37.77 11.28 17.07
C THR A 78 38.82 12.08 16.40
N ASP A 79 39.65 11.40 15.62
CA ASP A 79 40.85 12.06 15.02
C ASP A 79 40.96 11.66 13.58
N ARG A 80 40.33 12.49 12.71
CA ARG A 80 40.28 12.31 11.25
C ARG A 80 41.65 12.00 10.66
N ALA A 81 42.61 12.87 11.00
CA ALA A 81 43.93 12.74 10.39
C ALA A 81 44.66 11.46 10.79
N ALA A 82 44.53 11.08 12.08
CA ALA A 82 45.15 9.84 12.57
C ALA A 82 44.54 8.65 11.94
N TRP A 83 43.20 8.67 11.80
CA TRP A 83 42.58 7.55 11.17
C TRP A 83 42.88 7.48 9.70
N ALA A 84 42.90 8.63 8.97
CA ALA A 84 43.32 8.57 7.60
C ALA A 84 44.68 7.87 7.38
N ALA A 85 45.61 8.20 8.28
CA ALA A 85 46.96 7.56 8.23
C ALA A 85 46.89 6.05 8.46
N GLN A 86 46.12 5.68 9.49
CA GLN A 86 46.00 4.26 9.85
C GLN A 86 45.29 3.43 8.76
N LEU A 87 44.23 4.03 8.17
CA LEU A 87 43.52 3.41 7.12
C LEU A 87 44.38 3.25 5.85
N ALA A 88 45.14 4.28 5.55
CA ALA A 88 46.00 4.22 4.35
C ALA A 88 46.98 3.09 4.45
N GLN A 89 47.51 2.94 5.66
CA GLN A 89 48.40 1.80 5.93
C GLN A 89 47.76 0.42 5.75
N LEU A 90 46.54 0.26 6.30
CA LEU A 90 45.82 -0.94 6.11
C LEU A 90 45.52 -1.26 4.66
N ARG A 91 45.13 -0.24 3.89
CA ARG A 91 44.75 -0.43 2.47
C ARG A 91 45.98 -0.69 1.56
N GLU A 92 47.15 -0.30 2.01
CA GLU A 92 48.46 -0.54 1.38
C GLU A 92 48.82 -2.02 1.53
N ASP A 93 48.72 -2.42 2.75
CA ASP A 93 48.98 -3.86 3.08
C ASP A 93 48.01 -4.86 2.50
N GLU A 94 46.72 -4.53 2.46
CA GLU A 94 45.74 -5.53 2.01
C GLU A 94 45.35 -5.47 0.53
N GLY A 95 45.50 -4.28 -0.07
CA GLY A 95 44.93 -4.04 -1.37
C GLY A 95 43.46 -3.79 -1.07
N GLU A 96 42.67 -3.80 -2.15
CA GLU A 96 41.31 -3.32 -2.10
C GLU A 96 40.49 -4.24 -1.19
N PHE A 97 39.64 -3.63 -0.36
CA PHE A 97 38.76 -4.45 0.54
C PHE A 97 37.46 -4.67 -0.25
N HIS A 98 36.69 -5.70 0.11
CA HIS A 98 35.41 -5.90 -0.52
C HIS A 98 34.37 -4.87 -0.01
N ALA A 99 34.43 -4.59 1.33
CA ALA A 99 33.47 -3.66 1.89
C ALA A 99 34.06 -3.29 3.23
N VAL A 100 33.63 -2.16 3.77
CA VAL A 100 33.90 -1.71 5.13
C VAL A 100 32.66 -1.87 5.93
N VAL A 101 32.76 -2.59 7.07
CA VAL A 101 31.59 -2.84 7.89
C VAL A 101 31.79 -2.15 9.22
N SER A 102 31.04 -1.05 9.39
CA SER A 102 31.16 -0.28 10.68
C SER A 102 30.24 -0.72 11.75
N LEU A 103 30.84 -0.96 12.95
CA LEU A 103 30.04 -1.32 14.12
C LEU A 103 30.07 -0.10 15.11
N LEU A 104 30.39 1.08 14.57
CA LEU A 104 30.50 2.29 15.42
C LEU A 104 29.22 2.70 16.11
N ALA A 105 28.08 2.34 15.53
CA ALA A 105 26.78 2.74 16.11
C ALA A 105 26.60 2.25 17.54
N ALA A 106 27.29 1.18 17.96
CA ALA A 106 27.19 0.78 19.32
C ALA A 106 27.68 1.78 20.33
N ALA A 107 28.48 2.77 19.95
CA ALA A 107 28.89 3.81 20.82
C ALA A 107 27.78 4.85 20.96
N GLU A 108 26.94 4.64 21.96
CA GLU A 108 25.78 5.55 22.17
C GLU A 108 26.14 6.66 23.15
N ALA A 109 27.16 6.47 24.00
CA ALA A 109 27.54 7.47 24.98
C ALA A 109 27.81 8.78 24.25
N LEU A 110 27.44 9.88 24.91
CA LEU A 110 27.74 11.20 24.32
C LEU A 110 29.25 11.47 24.28
N HIS A 111 29.65 12.21 23.26
CA HIS A 111 31.03 12.58 23.12
C HIS A 111 31.43 13.55 24.28
N THR A 112 32.63 13.35 24.78
CA THR A 112 33.06 14.12 25.95
C THR A 112 33.12 15.64 25.68
N ASP A 113 33.29 16.03 24.41
CA ASP A 113 33.49 17.43 24.08
C ASP A 113 32.29 18.03 23.36
N HIS A 114 31.31 17.19 22.99
CA HIS A 114 30.21 17.67 22.16
C HIS A 114 29.00 16.95 22.72
N GLY A 115 28.36 17.60 23.66
CA GLY A 115 27.40 16.92 24.51
C GLY A 115 26.07 16.55 23.92
N SER A 116 25.83 16.94 22.65
CA SER A 116 24.66 16.52 21.94
C SER A 116 25.00 15.52 20.81
N VAL A 117 26.25 15.07 20.72
CA VAL A 117 26.65 14.12 19.63
C VAL A 117 26.97 12.78 20.27
N PRO A 118 26.17 11.75 20.01
CA PRO A 118 26.57 10.37 20.32
C PRO A 118 27.95 10.07 19.76
N LEU A 119 28.84 9.41 20.54
CA LEU A 119 30.16 9.11 20.04
C LEU A 119 30.13 8.35 18.77
N GLY A 120 29.19 7.40 18.59
CA GLY A 120 29.22 6.56 17.41
C GLY A 120 28.84 7.40 16.19
N LEU A 121 28.06 8.44 16.39
CA LEU A 121 27.67 9.34 15.27
C LEU A 121 28.86 10.14 14.89
N ALA A 122 29.57 10.72 15.86
CA ALA A 122 30.79 11.41 15.56
C ALA A 122 31.80 10.55 14.84
N GLN A 123 31.98 9.32 15.35
CA GLN A 123 33.00 8.45 14.77
C GLN A 123 32.60 7.98 13.37
N THR A 124 31.29 7.83 13.14
CA THR A 124 30.86 7.45 11.77
C THR A 124 31.18 8.53 10.76
N LEU A 125 30.86 9.77 11.15
CA LEU A 125 31.14 10.93 10.23
C LEU A 125 32.67 10.94 9.95
N LEU A 126 33.47 10.75 10.98
CA LEU A 126 34.92 10.92 10.75
C LEU A 126 35.41 9.68 9.96
N LEU A 127 34.81 8.50 10.15
CA LEU A 127 35.18 7.30 9.32
C LEU A 127 34.83 7.57 7.86
N ALA A 128 33.63 8.09 7.58
CA ALA A 128 33.29 8.40 6.18
C ALA A 128 34.37 9.40 5.64
N GLN A 129 34.76 10.40 6.44
CA GLN A 129 35.78 11.39 6.02
C GLN A 129 37.11 10.73 5.78
N ALA A 130 37.57 9.94 6.75
CA ALA A 130 38.92 9.43 6.64
C ALA A 130 39.02 8.37 5.58
N LEU A 131 37.93 7.60 5.31
CA LEU A 131 37.98 6.66 4.16
C LEU A 131 38.25 7.37 2.86
N GLY A 132 37.51 8.44 2.64
CA GLY A 132 37.73 9.27 1.44
C GLY A 132 39.16 9.80 1.46
N ASP A 133 39.64 10.32 2.59
CA ASP A 133 40.99 10.91 2.65
C ASP A 133 42.03 9.89 2.25
N ALA A 134 41.92 8.63 2.77
CA ALA A 134 42.89 7.57 2.53
C ALA A 134 42.69 6.86 1.20
N GLY A 135 41.63 7.19 0.41
CA GLY A 135 41.46 6.44 -0.85
C GLY A 135 40.98 4.97 -0.70
N LEU A 136 40.32 4.57 0.43
CA LEU A 136 39.63 3.28 0.48
C LEU A 136 38.32 3.46 -0.27
N THR A 137 38.06 2.63 -1.27
CA THR A 137 36.87 2.82 -2.10
C THR A 137 35.85 1.70 -1.85
N ALA A 138 36.19 0.73 -0.91
CA ALA A 138 35.22 -0.41 -0.73
C ALA A 138 33.95 0.29 -0.12
N PRO A 139 32.76 -0.21 -0.48
CA PRO A 139 31.52 0.34 0.04
C PRO A 139 31.43 0.22 1.53
N LEU A 140 31.01 1.34 2.16
CA LEU A 140 30.82 1.38 3.60
C LEU A 140 29.38 0.97 3.97
N TRP A 141 29.31 -0.02 4.88
CA TRP A 141 28.04 -0.45 5.44
C TRP A 141 28.00 -0.08 6.91
N CYS A 142 26.97 0.63 7.34
CA CYS A 142 26.78 1.07 8.73
C CYS A 142 25.74 0.19 9.39
N LEU A 143 26.15 -0.60 10.41
CA LEU A 143 25.17 -1.51 11.05
C LEU A 143 24.65 -0.86 12.33
N THR A 144 23.38 -1.16 12.57
CA THR A 144 22.70 -0.68 13.79
C THR A 144 21.95 -1.84 14.40
N ARG A 145 21.51 -1.61 15.65
CA ARG A 145 20.64 -2.63 16.37
C ARG A 145 19.58 -1.83 17.08
N GLY A 146 18.39 -1.96 16.53
CA GLY A 146 17.23 -1.24 17.10
C GLY A 146 17.13 0.21 16.69
N GLY A 147 17.69 0.56 15.54
CA GLY A 147 17.66 1.96 15.12
C GLY A 147 16.49 2.25 14.20
N VAL A 148 15.74 1.22 13.76
CA VAL A 148 14.52 1.35 12.95
C VAL A 148 13.41 0.49 13.52
N ALA A 149 12.19 0.86 13.21
CA ALA A 149 11.05 -0.02 13.54
C ALA A 149 10.55 -0.65 12.25
N ALA A 150 10.94 -1.94 12.07
CA ALA A 150 10.71 -2.68 10.85
C ALA A 150 10.04 -4.02 11.05
N GLY A 151 8.80 -4.12 10.56
CA GLY A 151 7.99 -5.33 10.70
C GLY A 151 6.98 -5.07 11.80
N ARG A 152 5.74 -5.53 11.58
CA ARG A 152 4.65 -5.63 12.59
C ARG A 152 5.16 -6.00 13.99
N GLY A 153 4.91 -5.10 14.96
CA GLY A 153 5.37 -5.31 16.33
C GLY A 153 6.83 -5.01 16.68
N ASP A 154 7.62 -4.54 15.70
CA ASP A 154 9.05 -4.31 15.95
C ASP A 154 9.25 -3.16 16.88
N VAL A 155 10.19 -3.31 17.82
CA VAL A 155 10.55 -2.32 18.82
C VAL A 155 11.82 -1.59 18.39
N LEU A 156 11.70 -0.26 18.17
CA LEU A 156 12.86 0.64 18.04
C LEU A 156 13.41 0.94 19.40
N SER A 157 14.43 0.17 19.79
CA SER A 157 15.04 0.28 21.06
C SER A 157 16.08 1.37 21.21
N SER A 158 16.74 1.85 20.12
CA SER A 158 17.81 2.81 20.24
C SER A 158 17.61 4.03 19.28
N PRO A 159 16.86 5.06 19.74
CA PRO A 159 16.76 6.26 18.93
C PRO A 159 18.09 6.91 18.60
N VAL A 160 19.06 6.79 19.46
CA VAL A 160 20.43 7.31 19.17
C VAL A 160 21.02 6.64 17.91
N GLN A 161 20.89 5.27 17.81
CA GLN A 161 21.43 4.59 16.61
C GLN A 161 20.55 5.00 15.41
N GLY A 162 19.25 5.31 15.65
CA GLY A 162 18.36 5.73 14.58
C GLY A 162 18.82 6.99 13.94
N ALA A 163 19.48 7.90 14.66
CA ALA A 163 20.05 9.12 14.06
C ALA A 163 21.04 8.81 12.98
N LEU A 164 21.81 7.72 13.14
CA LEU A 164 22.79 7.37 12.16
C LEU A 164 22.24 7.10 10.73
N TRP A 165 20.98 6.66 10.65
CA TRP A 165 20.34 6.46 9.37
C TRP A 165 20.18 7.79 8.63
N GLY A 166 19.97 8.91 9.32
CA GLY A 166 19.83 10.15 8.54
C GLY A 166 21.18 10.53 7.99
N LEU A 167 22.24 10.35 8.80
CA LEU A 167 23.61 10.57 8.26
C LEU A 167 23.92 9.66 7.11
N GLY A 168 23.62 8.37 7.23
CA GLY A 168 23.91 7.41 6.13
C GLY A 168 23.24 7.72 4.84
N ARG A 169 21.99 8.11 4.92
CA ARG A 169 21.30 8.41 3.67
C ARG A 169 22.03 9.62 2.94
N VAL A 170 22.47 10.63 3.71
CA VAL A 170 23.22 11.69 3.11
C VAL A 170 24.55 11.18 2.55
N ILE A 171 25.31 10.34 3.23
CA ILE A 171 26.52 9.74 2.66
C ILE A 171 26.22 9.05 1.40
N GLY A 172 25.10 8.40 1.31
CA GLY A 172 24.69 7.75 0.02
C GLY A 172 24.45 8.73 -1.15
N LEU A 173 24.00 9.96 -0.85
CA LEU A 173 23.81 10.94 -1.87
C LEU A 173 25.07 11.69 -2.20
N GLU A 174 25.99 11.88 -1.28
CA GLU A 174 27.24 12.64 -1.52
C GLU A 174 28.40 11.75 -1.98
N HIS A 175 28.44 10.48 -1.54
CA HIS A 175 29.52 9.54 -1.90
C HIS A 175 28.87 8.23 -2.36
N PRO A 176 28.02 8.29 -3.40
CA PRO A 176 27.27 7.04 -3.80
C PRO A 176 28.22 5.91 -4.21
N ASP A 177 29.36 6.24 -4.76
CA ASP A 177 30.26 5.19 -5.28
C ASP A 177 30.97 4.40 -4.22
N ARG A 178 31.07 4.91 -2.98
CA ARG A 178 31.70 4.24 -1.88
C ARG A 178 30.76 4.00 -0.65
N TRP A 179 29.45 4.03 -0.92
CA TRP A 179 28.45 3.80 0.11
C TRP A 179 27.79 2.47 -0.11
N GLY A 180 27.82 1.64 0.90
CA GLY A 180 27.06 0.35 0.78
C GLY A 180 25.62 0.56 1.22
N GLY A 181 25.45 0.88 2.51
CA GLY A 181 24.11 1.09 2.98
C GLY A 181 24.04 0.91 4.52
N LEU A 182 22.79 0.74 5.01
CA LEU A 182 22.57 0.62 6.37
C LEU A 182 21.77 -0.67 6.56
N ILE A 183 22.15 -1.40 7.63
CA ILE A 183 21.46 -2.64 7.97
C ILE A 183 21.21 -2.70 9.48
N ASP A 184 19.94 -2.83 9.82
CA ASP A 184 19.59 -3.07 11.21
C ASP A 184 19.51 -4.53 11.60
N LEU A 185 20.20 -4.90 12.67
CA LEU A 185 20.26 -6.29 13.15
C LEU A 185 19.13 -6.53 14.13
N PRO A 186 18.76 -7.81 14.28
CA PRO A 186 17.84 -8.21 15.33
C PRO A 186 18.56 -8.26 16.64
N GLU A 187 17.72 -8.45 17.68
CA GLU A 187 18.16 -8.61 19.08
C GLU A 187 19.15 -9.72 19.19
N THR A 188 18.73 -10.87 18.70
CA THR A 188 19.65 -11.96 18.78
C THR A 188 20.07 -12.34 17.35
N VAL A 189 21.40 -12.24 17.10
CA VAL A 189 21.91 -12.48 15.74
C VAL A 189 22.29 -13.98 15.78
N ASP A 190 21.33 -14.83 15.41
CA ASP A 190 21.45 -16.29 15.25
C ASP A 190 22.03 -16.55 13.86
N THR A 191 22.19 -17.82 13.53
CA THR A 191 22.91 -18.12 12.33
C THR A 191 22.11 -17.74 11.08
N ARG A 192 20.78 -17.86 11.12
CA ARG A 192 20.00 -17.35 9.96
C ARG A 192 20.18 -15.85 9.79
N ALA A 193 20.21 -15.11 10.89
CA ALA A 193 20.48 -13.68 10.77
C ALA A 193 21.88 -13.36 10.29
N ALA A 194 22.89 -14.10 10.77
CA ALA A 194 24.25 -13.96 10.31
C ALA A 194 24.39 -14.20 8.82
N ALA A 195 23.67 -15.17 8.30
CA ALA A 195 23.86 -15.59 6.94
C ALA A 195 23.16 -14.50 6.15
N ARG A 196 22.03 -13.97 6.63
CA ARG A 196 21.41 -12.82 5.85
C ARG A 196 22.42 -11.68 5.79
N LEU A 197 23.13 -11.39 6.89
CA LEU A 197 24.04 -10.29 6.84
C LEU A 197 25.19 -10.46 5.83
N THR A 198 25.90 -11.59 6.03
CA THR A 198 27.02 -11.86 5.10
C THR A 198 26.61 -12.05 3.62
N GLY A 199 25.40 -12.60 3.45
CA GLY A 199 24.85 -12.60 2.10
C GLY A 199 24.61 -11.23 1.51
N LEU A 200 23.97 -10.34 2.29
CA LEU A 200 23.81 -8.93 1.83
C LEU A 200 25.17 -8.32 1.55
N LEU A 201 26.19 -8.56 2.36
CA LEU A 201 27.51 -7.93 2.13
C LEU A 201 28.08 -8.46 0.83
N ALA A 202 27.73 -9.68 0.42
CA ALA A 202 28.22 -10.21 -0.83
C ALA A 202 27.47 -9.58 -1.99
N ASP A 203 26.15 -9.45 -1.81
CA ASP A 203 25.31 -8.84 -2.87
C ASP A 203 23.98 -8.47 -2.25
N ALA A 204 23.65 -7.17 -2.34
CA ALA A 204 22.46 -6.73 -1.66
C ALA A 204 21.30 -6.47 -2.65
N GLY A 205 21.46 -6.89 -3.91
CA GLY A 205 20.39 -6.73 -4.92
C GLY A 205 19.93 -5.28 -5.12
N GLY A 206 20.80 -4.32 -4.94
CA GLY A 206 20.38 -2.91 -5.18
C GLY A 206 19.64 -2.29 -3.99
N GLU A 207 19.54 -3.02 -2.91
CA GLU A 207 19.01 -2.45 -1.64
C GLU A 207 20.09 -1.89 -0.76
N ASP A 208 19.74 -0.82 0.00
CA ASP A 208 20.72 -0.17 0.83
C ASP A 208 20.13 0.35 2.14
N GLN A 209 18.86 0.09 2.42
CA GLN A 209 18.26 0.43 3.73
C GLN A 209 17.49 -0.82 4.18
N LEU A 210 18.10 -1.62 5.06
CA LEU A 210 17.65 -3.03 5.27
C LEU A 210 17.52 -3.30 6.75
N ALA A 211 16.58 -4.16 7.06
CA ALA A 211 16.45 -4.64 8.43
C ALA A 211 16.38 -6.16 8.34
N ILE A 212 17.24 -6.79 9.16
CA ILE A 212 17.28 -8.30 9.27
C ILE A 212 16.41 -8.68 10.47
N ARG A 213 15.38 -9.52 10.21
CA ARG A 213 14.38 -9.87 11.26
C ARG A 213 14.16 -11.37 11.23
N GLY A 214 13.50 -11.86 12.27
CA GLY A 214 13.34 -13.36 12.36
C GLY A 214 12.68 -13.95 11.11
N SER A 215 11.78 -13.16 10.50
CA SER A 215 10.96 -13.71 9.43
C SER A 215 11.53 -13.40 8.04
N GLY A 216 12.57 -12.59 7.96
CA GLY A 216 13.13 -12.32 6.66
C GLY A 216 13.93 -11.03 6.71
N VAL A 217 14.38 -10.70 5.53
CA VAL A 217 15.04 -9.38 5.34
C VAL A 217 13.99 -8.43 4.80
N LEU A 218 13.93 -7.24 5.42
CA LEU A 218 12.97 -6.17 4.99
C LEU A 218 13.77 -5.00 4.52
N ALA A 219 13.13 -4.23 3.63
CA ALA A 219 13.80 -3.01 3.17
C ALA A 219 12.85 -1.84 3.22
N ARG A 220 13.45 -0.67 3.28
CA ARG A 220 12.67 0.53 3.54
C ARG A 220 12.05 1.11 2.25
N ARG A 221 10.78 1.54 2.38
CA ARG A 221 9.98 1.89 1.21
C ARG A 221 9.18 3.13 1.58
N LEU A 222 8.99 4.05 0.65
CA LEU A 222 8.08 5.18 0.82
C LEU A 222 6.79 4.96 0.07
N ALA A 223 5.67 5.15 0.78
CA ALA A 223 4.36 5.01 0.15
C ALA A 223 3.46 6.20 0.40
N HIS A 224 2.51 6.45 -0.50
CA HIS A 224 1.44 7.40 -0.19
C HIS A 224 0.68 6.91 1.02
N ALA A 225 0.32 7.82 1.90
CA ALA A 225 -0.38 7.41 3.16
C ALA A 225 -1.83 7.12 2.76
N ALA A 226 -2.46 6.28 3.56
CA ALA A 226 -3.90 6.08 3.41
C ALA A 226 -4.70 7.41 3.57
N PRO A 227 -5.76 7.58 2.77
CA PRO A 227 -6.63 8.76 2.87
C PRO A 227 -7.24 8.92 4.28
N ALA A 228 -7.39 10.15 4.67
CA ALA A 228 -7.80 10.51 6.02
C ALA A 228 -9.15 9.93 6.38
N VAL A 229 -9.23 9.34 7.59
CA VAL A 229 -10.50 8.87 8.21
C VAL A 229 -10.74 9.64 9.50
N PRO A 230 -11.72 10.59 9.41
CA PRO A 230 -11.95 11.42 10.64
C PRO A 230 -12.35 10.56 11.91
N GLY A 231 -11.75 10.85 13.04
CA GLY A 231 -12.08 10.07 14.25
C GLY A 231 -11.38 8.75 14.53
N SER A 232 -10.61 8.25 13.58
CA SER A 232 -10.06 6.91 13.68
C SER A 232 -9.04 6.77 14.82
N GLY A 233 -8.36 7.87 15.11
CA GLY A 233 -7.25 7.83 16.05
C GLY A 233 -7.70 8.28 17.42
N LYS A 234 -8.97 8.71 17.48
CA LYS A 234 -9.65 9.16 18.69
C LYS A 234 -8.92 10.35 19.34
N ARG A 235 -8.46 11.30 18.49
CA ARG A 235 -7.73 12.53 18.95
C ARG A 235 -8.56 13.27 19.99
N PRO A 236 -8.04 13.44 21.25
CA PRO A 236 -8.89 14.25 22.13
C PRO A 236 -8.97 15.73 21.75
N PRO A 237 -10.05 16.45 22.16
CA PRO A 237 -10.22 17.90 21.85
C PRO A 237 -9.02 18.66 22.41
N VAL A 238 -8.51 19.64 21.65
CA VAL A 238 -7.39 20.45 22.10
C VAL A 238 -7.91 21.21 23.33
N HIS A 239 -7.16 21.20 24.45
CA HIS A 239 -7.53 21.91 25.74
C HIS A 239 -6.33 22.03 26.63
N GLY A 240 -6.44 22.56 27.89
CA GLY A 240 -5.34 22.61 28.88
C GLY A 240 -4.18 23.47 28.35
N SER A 241 -2.97 23.11 28.78
CA SER A 241 -1.75 23.87 28.31
C SER A 241 -1.04 23.09 27.18
N VAL A 242 -0.63 23.79 26.16
CA VAL A 242 0.08 23.14 25.05
C VAL A 242 1.36 23.90 24.84
N LEU A 243 2.46 23.13 24.87
CA LEU A 243 3.80 23.72 24.70
C LEU A 243 4.23 23.61 23.24
N VAL A 244 4.53 24.74 22.61
CA VAL A 244 5.12 24.75 21.32
C VAL A 244 6.54 25.32 21.43
N THR A 245 7.56 24.43 21.37
CA THR A 245 8.89 24.90 21.33
C THR A 245 9.14 25.44 19.89
N GLY A 246 10.01 26.44 19.79
CA GLY A 246 10.10 27.19 18.51
C GLY A 246 8.81 27.84 18.13
N GLY A 247 7.99 28.16 19.17
CA GLY A 247 6.59 28.57 18.98
C GLY A 247 6.41 30.00 18.51
N THR A 248 7.47 30.81 18.69
CA THR A 248 7.51 32.15 18.07
C THR A 248 8.03 32.12 16.56
N GLY A 249 8.57 30.96 16.11
CA GLY A 249 9.22 30.78 14.80
C GLY A 249 8.13 30.63 13.75
N GLY A 250 8.50 30.42 12.49
CA GLY A 250 7.57 30.45 11.38
C GLY A 250 6.52 29.35 11.51
N ILE A 251 6.96 28.10 11.44
CA ILE A 251 5.98 27.00 11.48
C ILE A 251 5.30 26.92 12.86
N GLY A 252 6.10 27.02 13.92
CA GLY A 252 5.55 27.05 15.33
C GLY A 252 4.47 28.07 15.54
N GLY A 253 4.68 29.32 15.12
CA GLY A 253 3.60 30.29 15.05
C GLY A 253 2.28 30.01 14.39
N ARG A 254 2.38 29.35 13.22
CA ARG A 254 1.18 28.99 12.52
C ARG A 254 0.51 27.77 13.18
N VAL A 255 1.30 26.87 13.73
CA VAL A 255 0.71 25.82 14.55
C VAL A 255 0.03 26.38 15.79
N ALA A 256 0.67 27.32 16.50
CA ALA A 256 0.01 27.91 17.69
C ALA A 256 -1.33 28.53 17.25
N ARG A 257 -1.38 29.20 16.07
CA ARG A 257 -2.59 29.94 15.64
C ARG A 257 -3.66 28.88 15.38
N ARG A 258 -3.27 27.74 14.81
CA ARG A 258 -4.27 26.69 14.55
C ARG A 258 -4.76 26.10 15.84
N LEU A 259 -3.88 25.80 16.78
CA LEU A 259 -4.31 25.35 18.09
C LEU A 259 -5.27 26.34 18.76
N ALA A 260 -4.97 27.63 18.64
CA ALA A 260 -5.82 28.65 19.16
C ALA A 260 -7.18 28.61 18.50
N GLU A 261 -7.20 28.44 17.20
CA GLU A 261 -8.51 28.37 16.42
C GLU A 261 -9.32 27.19 16.93
N GLN A 262 -8.62 26.12 17.25
CA GLN A 262 -9.20 24.85 17.77
C GLN A 262 -9.47 24.72 19.25
N GLY A 263 -9.22 25.82 19.96
CA GLY A 263 -9.77 26.03 21.27
C GLY A 263 -8.82 25.80 22.42
N ALA A 264 -7.51 25.73 22.13
CA ALA A 264 -6.60 25.60 23.25
C ALA A 264 -6.85 26.60 24.36
N ALA A 265 -6.72 26.16 25.63
CA ALA A 265 -6.84 27.11 26.77
C ALA A 265 -5.59 28.00 27.00
N HIS A 266 -4.38 27.42 26.79
CA HIS A 266 -3.18 28.12 27.20
C HIS A 266 -2.09 27.60 26.26
N LEU A 267 -1.51 28.53 25.52
CA LEU A 267 -0.34 28.20 24.67
C LEU A 267 0.91 28.72 25.33
N VAL A 268 1.90 27.85 25.48
CA VAL A 268 3.20 28.18 25.97
C VAL A 268 4.20 28.11 24.80
N LEU A 269 4.71 29.26 24.41
CA LEU A 269 5.52 29.39 23.21
C LEU A 269 6.92 29.64 23.63
N THR A 270 7.86 28.80 23.28
CA THR A 270 9.23 29.06 23.67
C THR A 270 10.20 29.25 22.48
N SER A 271 11.34 29.91 22.75
CA SER A 271 12.43 29.96 21.78
C SER A 271 13.56 30.59 22.53
N ARG A 272 14.76 30.56 21.96
CA ARG A 272 15.85 31.15 22.74
C ARG A 272 15.64 32.65 22.98
N ARG A 273 15.02 33.38 22.03
CA ARG A 273 14.80 34.83 22.18
C ARG A 273 13.54 35.15 23.02
N GLY A 274 12.66 34.17 23.15
CA GLY A 274 11.34 34.38 23.75
C GLY A 274 10.56 35.61 23.29
N ALA A 275 10.22 36.48 24.25
CA ALA A 275 9.42 37.69 23.97
C ALA A 275 10.17 38.66 23.00
N ASP A 276 11.48 38.45 22.84
CA ASP A 276 12.29 39.28 21.93
C ASP A 276 12.43 38.66 20.54
N ALA A 277 11.75 37.55 20.29
CA ALA A 277 11.85 36.95 18.98
C ALA A 277 11.12 37.79 17.96
N PRO A 278 11.63 37.84 16.70
CA PRO A 278 10.93 38.58 15.64
C PRO A 278 9.43 38.19 15.58
N GLY A 279 8.56 39.19 15.56
CA GLY A 279 7.14 38.91 15.34
C GLY A 279 6.39 38.50 16.58
N ALA A 280 7.07 38.36 17.73
CA ALA A 280 6.38 37.76 18.89
C ALA A 280 5.18 38.56 19.39
N ALA A 281 5.30 39.89 19.34
CA ALA A 281 4.25 40.74 19.96
C ALA A 281 3.00 40.64 19.11
N GLU A 282 3.19 40.65 17.79
CA GLU A 282 2.11 40.47 16.82
C GLU A 282 1.44 39.11 16.92
N LEU A 283 2.25 38.06 17.12
CA LEU A 283 1.77 36.70 17.33
C LEU A 283 0.94 36.64 18.62
N ARG A 284 1.48 37.14 19.74
CA ARG A 284 0.76 37.16 21.02
C ARG A 284 -0.59 37.89 20.86
N ALA A 285 -0.57 39.04 20.19
CA ALA A 285 -1.84 39.80 20.03
C ALA A 285 -2.85 39.05 19.17
N GLU A 286 -2.42 38.43 18.08
CA GLU A 286 -3.37 37.68 17.23
C GLU A 286 -3.95 36.46 17.99
N LEU A 287 -3.11 35.80 18.80
CA LEU A 287 -3.56 34.67 19.61
C LEU A 287 -4.56 35.03 20.72
N GLU A 288 -4.22 36.12 21.43
CA GLU A 288 -5.07 36.63 22.50
C GLU A 288 -6.43 37.13 21.97
N GLN A 289 -6.48 37.61 20.73
CA GLN A 289 -7.78 38.07 20.16
C GLN A 289 -8.70 36.85 20.02
N LEU A 290 -8.11 35.66 19.91
CA LEU A 290 -8.87 34.45 19.87
C LEU A 290 -9.32 33.94 21.24
N GLY A 291 -8.96 34.64 22.30
CA GLY A 291 -9.33 34.34 23.67
C GLY A 291 -8.34 33.49 24.46
N VAL A 292 -7.37 32.88 23.77
CA VAL A 292 -6.27 32.09 24.39
C VAL A 292 -5.33 32.84 25.36
N ARG A 293 -5.01 32.22 26.49
CA ARG A 293 -3.96 32.66 27.39
C ARG A 293 -2.63 32.32 26.76
N VAL A 294 -1.73 33.30 26.71
CA VAL A 294 -0.45 33.13 26.01
C VAL A 294 0.69 33.41 26.93
N THR A 295 1.57 32.41 27.06
CA THR A 295 2.84 32.58 27.71
C THR A 295 3.94 32.45 26.70
N ILE A 296 4.89 33.41 26.64
CA ILE A 296 6.03 33.37 25.75
C ILE A 296 7.22 33.39 26.68
N ALA A 297 8.05 32.36 26.62
CA ALA A 297 9.22 32.20 27.44
C ALA A 297 10.47 32.08 26.65
N ALA A 298 11.52 32.72 27.12
CA ALA A 298 12.82 32.55 26.53
C ALA A 298 13.45 31.40 27.26
N CYS A 299 13.75 30.36 26.50
CA CYS A 299 14.64 29.41 26.98
C CYS A 299 14.89 28.30 25.99
N ASP A 300 16.11 27.87 26.15
CA ASP A 300 16.76 26.95 25.24
C ASP A 300 16.18 25.60 25.52
N ALA A 301 15.70 24.95 24.42
CA ALA A 301 15.02 23.66 24.53
C ALA A 301 15.99 22.56 25.06
N ALA A 302 17.29 22.80 24.95
CA ALA A 302 18.27 21.81 25.42
C ALA A 302 18.73 22.04 26.88
N ASP A 303 18.13 23.07 27.50
CA ASP A 303 18.38 23.32 28.92
C ASP A 303 17.32 22.62 29.76
N ARG A 304 17.69 21.49 30.33
CA ARG A 304 16.77 20.69 31.13
C ARG A 304 16.20 21.43 32.38
N GLU A 305 17.05 22.19 33.03
CA GLU A 305 16.60 22.90 34.22
C GLU A 305 15.57 23.98 33.82
N ALA A 306 15.83 24.69 32.72
CA ALA A 306 14.84 25.71 32.26
C ALA A 306 13.49 25.04 31.88
N LEU A 307 13.54 23.91 31.15
CA LEU A 307 12.30 23.21 30.78
C LEU A 307 11.49 22.80 32.04
N ALA A 308 12.19 22.20 33.00
CA ALA A 308 11.56 21.75 34.25
C ALA A 308 10.86 22.94 34.97
N ALA A 309 11.55 24.07 34.96
CA ALA A 309 11.05 25.24 35.63
C ALA A 309 9.78 25.78 34.95
N LEU A 310 9.81 25.74 33.60
CA LEU A 310 8.69 26.09 32.81
C LEU A 310 7.48 25.18 33.11
N LEU A 311 7.71 23.85 33.21
CA LEU A 311 6.64 22.86 33.47
C LEU A 311 6.11 23.05 34.91
N ALA A 312 6.99 23.53 35.80
CA ALA A 312 6.62 23.65 37.17
C ALA A 312 5.66 24.79 37.37
N GLU A 313 5.74 25.77 36.48
CA GLU A 313 4.93 27.01 36.49
C GLU A 313 3.48 26.80 36.02
N LEU A 314 3.14 25.69 35.34
CA LEU A 314 1.78 25.56 34.79
C LEU A 314 0.61 25.60 35.77
N PRO A 315 -0.53 26.22 35.36
CA PRO A 315 -1.72 26.30 36.28
C PRO A 315 -2.26 24.89 36.64
N GLU A 316 -2.70 24.71 37.89
CA GLU A 316 -3.50 23.55 38.29
C GLU A 316 -4.72 23.31 37.37
N ASP A 317 -5.37 24.41 37.01
CA ASP A 317 -6.51 24.43 36.08
C ASP A 317 -6.15 24.22 34.58
N ALA A 318 -4.85 24.12 34.26
CA ALA A 318 -4.41 24.02 32.82
C ALA A 318 -3.10 23.20 32.74
N PRO A 319 -3.18 21.91 33.12
CA PRO A 319 -2.02 21.06 33.04
C PRO A 319 -1.62 20.85 31.54
N LEU A 320 -0.35 20.53 31.41
CA LEU A 320 0.25 20.19 30.04
C LEU A 320 -0.56 19.00 29.48
N THR A 321 -1.09 19.19 28.31
CA THR A 321 -1.79 18.14 27.50
C THR A 321 -1.03 17.70 26.25
N ALA A 322 -0.06 18.51 25.78
CA ALA A 322 0.52 18.25 24.45
C ALA A 322 1.78 19.02 24.30
N VAL A 323 2.72 18.44 23.56
CA VAL A 323 3.96 19.11 23.13
C VAL A 323 4.10 19.08 21.63
N PHE A 324 4.41 20.22 21.07
CA PHE A 324 4.79 20.31 19.62
C PHE A 324 6.20 20.90 19.53
N HIS A 325 7.16 20.06 19.11
CA HIS A 325 8.55 20.41 19.14
C HIS A 325 9.04 20.96 17.77
N SER A 326 8.97 22.29 17.63
CA SER A 326 9.29 22.95 16.30
C SER A 326 10.70 23.64 16.46
N ALA A 327 11.27 23.63 17.65
CA ALA A 327 12.63 24.26 17.85
C ALA A 327 13.61 23.59 16.91
N GLY A 328 14.43 24.37 16.24
CA GLY A 328 15.36 23.79 15.24
C GLY A 328 16.08 24.82 14.43
N VAL A 329 17.31 24.47 14.05
CA VAL A 329 18.01 25.24 13.06
C VAL A 329 18.54 24.31 11.96
N ALA A 330 18.68 24.84 10.74
CA ALA A 330 19.23 24.08 9.63
C ALA A 330 20.60 24.63 9.16
N HIS A 331 20.97 25.84 9.58
CA HIS A 331 22.14 26.54 9.04
C HIS A 331 23.39 26.00 9.63
N ASP A 332 24.53 26.35 9.01
CA ASP A 332 25.82 25.94 9.46
C ASP A 332 26.01 24.40 9.43
N ASP A 333 25.38 23.83 8.40
CA ASP A 333 25.66 22.43 8.00
C ASP A 333 26.76 22.45 6.93
N ALA A 334 27.17 21.28 6.51
CA ALA A 334 28.26 21.20 5.53
C ALA A 334 28.23 19.83 4.92
N PRO A 335 28.79 19.69 3.72
CA PRO A 335 28.99 18.31 3.13
C PRO A 335 29.67 17.37 4.12
N VAL A 336 29.38 16.07 3.96
CA VAL A 336 30.02 15.06 4.76
C VAL A 336 31.51 15.23 4.81
N ALA A 337 32.17 15.50 3.67
CA ALA A 337 33.61 15.67 3.66
C ALA A 337 34.18 16.78 4.49
N ASP A 338 33.32 17.72 4.91
CA ASP A 338 33.80 18.96 5.57
C ASP A 338 33.22 19.19 6.93
N LEU A 339 32.07 18.61 7.20
CA LEU A 339 31.37 18.87 8.53
C LEU A 339 32.28 18.65 9.77
N THR A 340 32.32 19.66 10.66
CA THR A 340 33.00 19.41 11.94
C THR A 340 32.11 18.93 12.97
N LEU A 341 32.73 18.41 14.06
CA LEU A 341 31.97 17.96 15.19
C LEU A 341 31.30 19.13 15.90
N GLY A 342 31.94 20.30 15.96
CA GLY A 342 31.24 21.43 16.54
C GLY A 342 30.04 21.88 15.71
N GLN A 343 30.10 21.81 14.38
CA GLN A 343 28.89 22.09 13.60
C GLN A 343 27.82 21.04 13.89
N LEU A 344 28.20 19.76 13.90
CA LEU A 344 27.25 18.69 14.11
C LEU A 344 26.58 18.89 15.55
N ASP A 345 27.37 19.26 16.53
CA ASP A 345 26.82 19.46 17.88
C ASP A 345 25.79 20.54 17.87
N ALA A 346 26.05 21.66 17.17
CA ALA A 346 25.06 22.77 17.23
C ALA A 346 23.76 22.36 16.48
N LEU A 347 23.85 21.50 15.44
CA LEU A 347 22.64 21.01 14.73
C LEU A 347 21.89 20.00 15.53
N MET A 348 22.60 19.17 16.32
CA MET A 348 21.95 18.18 17.12
C MET A 348 21.21 18.77 18.37
N ARG A 349 21.74 19.91 18.86
CA ARG A 349 21.34 20.37 20.25
C ARG A 349 19.80 20.54 20.39
N ALA A 350 19.12 21.27 19.47
CA ALA A 350 17.70 21.45 19.64
C ALA A 350 16.83 20.26 19.30
N LYS A 351 17.45 19.26 18.71
CA LYS A 351 16.79 18.13 18.23
C LYS A 351 16.93 16.95 19.21
N LEU A 352 18.10 16.29 19.29
CA LEU A 352 18.38 15.17 20.13
C LEU A 352 18.31 15.61 21.65
N THR A 353 19.09 16.62 22.06
CA THR A 353 19.15 17.03 23.48
C THR A 353 17.79 17.52 23.95
N ALA A 354 17.19 18.43 23.17
CA ALA A 354 15.93 19.03 23.62
C ALA A 354 14.81 17.97 23.60
N ALA A 355 14.71 17.13 22.56
CA ALA A 355 13.65 16.14 22.55
C ALA A 355 13.86 15.10 23.62
N ARG A 356 15.06 14.67 23.93
CA ARG A 356 15.34 13.73 25.05
C ARG A 356 14.75 14.32 26.36
N HIS A 357 15.04 15.61 26.59
CA HIS A 357 14.53 16.31 27.78
C HIS A 357 13.04 16.33 27.76
N LEU A 358 12.45 16.70 26.64
CA LEU A 358 11.00 16.73 26.59
C LEU A 358 10.38 15.37 26.87
N HIS A 359 11.00 14.33 26.33
CA HIS A 359 10.50 12.99 26.54
C HIS A 359 10.58 12.61 28.02
N GLU A 360 11.74 12.82 28.62
CA GLU A 360 11.98 12.41 29.98
C GLU A 360 11.08 13.18 30.93
N LEU A 361 10.89 14.49 30.73
CA LEU A 361 10.07 15.29 31.72
C LEU A 361 8.56 15.14 31.49
N THR A 362 8.15 14.56 30.38
CA THR A 362 6.70 14.34 30.13
C THR A 362 6.24 12.89 30.13
N ALA A 363 7.17 11.97 30.33
CA ALA A 363 6.86 10.54 30.27
C ALA A 363 5.77 10.06 31.22
N ASP A 364 5.59 10.74 32.37
CA ASP A 364 4.55 10.35 33.35
C ASP A 364 3.29 11.16 33.23
N LEU A 365 3.21 12.10 32.29
CA LEU A 365 2.09 13.06 32.25
C LEU A 365 0.90 12.62 31.44
N ASP A 366 0.96 11.44 30.82
CA ASP A 366 -0.19 10.98 29.97
C ASP A 366 -0.67 12.06 28.93
N LEU A 367 0.27 12.53 28.15
CA LEU A 367 -0.03 13.59 27.23
C LEU A 367 -0.98 13.03 26.15
N ASP A 368 -1.77 13.92 25.58
CA ASP A 368 -2.63 13.63 24.40
C ASP A 368 -1.81 13.62 23.10
N ALA A 369 -0.71 14.41 22.96
CA ALA A 369 0.08 14.47 21.78
C ALA A 369 1.49 14.82 22.16
N PHE A 370 2.45 14.21 21.46
CA PHE A 370 3.89 14.57 21.61
C PHE A 370 4.42 14.55 20.20
N VAL A 371 4.48 15.70 19.55
CA VAL A 371 4.67 15.84 18.09
C VAL A 371 6.00 16.47 17.83
N LEU A 372 6.86 15.73 17.13
CA LEU A 372 8.27 16.14 16.88
C LEU A 372 8.30 16.58 15.40
N PHE A 373 8.85 17.73 15.10
CA PHE A 373 8.93 18.18 13.71
C PHE A 373 10.31 17.86 13.09
N SER A 374 10.30 16.84 12.24
CA SER A 374 11.45 16.36 11.55
C SER A 374 11.46 16.98 10.15
N SER A 375 12.14 16.39 9.13
CA SER A 375 12.29 17.04 7.84
C SER A 375 12.45 15.92 6.80
N GLY A 376 12.16 16.28 5.57
CA GLY A 376 12.46 15.36 4.45
C GLY A 376 13.89 15.09 4.32
N ALA A 377 14.75 15.96 4.83
CA ALA A 377 16.22 15.69 4.79
C ALA A 377 16.47 14.40 5.55
N ALA A 378 15.76 14.09 6.64
CA ALA A 378 15.94 12.81 7.36
C ALA A 378 15.29 11.68 6.72
N VAL A 379 14.17 11.89 6.07
CA VAL A 379 13.48 10.76 5.54
C VAL A 379 14.04 10.26 4.19
N PHE A 380 14.44 11.22 3.35
CA PHE A 380 15.02 10.92 2.01
C PHE A 380 16.58 10.93 2.09
N GLY A 381 17.13 11.80 2.90
CA GLY A 381 18.51 12.30 2.62
C GLY A 381 18.43 13.53 1.72
N SER A 382 19.36 14.43 2.00
CA SER A 382 19.52 15.64 1.19
C SER A 382 21.01 15.98 1.17
N GLY A 383 21.57 16.10 -0.06
CA GLY A 383 22.98 16.54 -0.19
C GLY A 383 23.22 17.81 0.54
N GLY A 384 24.33 17.84 1.27
CA GLY A 384 24.74 19.06 1.93
C GLY A 384 24.14 19.20 3.29
N GLN A 385 23.31 18.23 3.68
CA GLN A 385 22.63 18.39 4.99
C GLN A 385 22.82 17.15 5.96
N PRO A 386 24.03 16.66 6.07
CA PRO A 386 24.23 15.51 6.96
C PRO A 386 23.87 15.80 8.40
N GLY A 387 24.23 16.94 8.96
CA GLY A 387 23.99 17.23 10.36
C GLY A 387 22.49 17.33 10.63
N TYR A 388 21.81 18.08 9.78
CA TYR A 388 20.38 18.24 9.95
C TYR A 388 19.64 16.93 9.73
N ALA A 389 20.07 16.09 8.78
CA ALA A 389 19.40 14.77 8.54
C ALA A 389 19.59 13.92 9.77
N ALA A 390 20.79 13.87 10.37
CA ALA A 390 21.01 13.03 11.56
C ALA A 390 20.15 13.53 12.71
N ALA A 391 20.11 14.82 12.91
CA ALA A 391 19.30 15.39 14.04
C ALA A 391 17.83 15.08 13.88
N ASN A 392 17.33 15.20 12.63
CA ASN A 392 15.89 14.96 12.46
C ASN A 392 15.52 13.47 12.42
N ALA A 393 16.50 12.64 11.99
CA ALA A 393 16.26 11.21 12.01
C ALA A 393 16.19 10.71 13.49
N TYR A 394 16.88 11.40 14.39
CA TYR A 394 16.75 11.02 15.81
C TYR A 394 15.27 11.26 16.28
N LEU A 395 14.67 12.38 15.85
CA LEU A 395 13.28 12.64 16.18
C LEU A 395 12.35 11.55 15.71
N ASP A 396 12.48 11.17 14.46
CA ASP A 396 11.59 10.17 13.92
C ASP A 396 11.71 8.87 14.77
N ALA A 397 12.97 8.49 15.03
CA ALA A 397 13.25 7.25 15.85
C ALA A 397 12.70 7.37 17.30
N LEU A 398 12.82 8.51 17.88
CA LEU A 398 12.32 8.70 19.28
C LEU A 398 10.82 8.52 19.29
N ALA A 399 10.10 9.02 18.26
CA ALA A 399 8.61 8.85 18.26
C ALA A 399 8.27 7.40 18.19
N GLU A 400 9.00 6.62 17.44
CA GLU A 400 8.70 5.19 17.38
C GLU A 400 9.03 4.50 18.72
N HIS A 401 10.16 4.86 19.26
CA HIS A 401 10.55 4.39 20.56
C HIS A 401 9.46 4.67 21.60
N ARG A 402 8.91 5.87 21.64
CA ARG A 402 7.96 6.22 22.64
C ARG A 402 6.71 5.40 22.47
N ARG A 403 6.27 5.08 21.26
CA ARG A 403 5.10 4.26 21.09
C ARG A 403 5.35 2.87 21.72
N SER A 404 6.57 2.36 21.57
CA SER A 404 6.93 1.03 22.15
C SER A 404 6.75 1.06 23.68
N LEU A 405 6.86 2.24 24.29
CA LEU A 405 6.66 2.43 25.74
C LEU A 405 5.24 2.62 26.13
N GLY A 406 4.34 2.58 25.16
CA GLY A 406 2.94 2.81 25.37
C GLY A 406 2.59 4.30 25.45
N LEU A 407 3.54 5.21 25.13
CA LEU A 407 3.25 6.66 25.11
C LEU A 407 2.88 7.19 23.75
N THR A 408 2.08 8.20 23.69
CA THR A 408 1.73 8.83 22.43
C THR A 408 2.95 9.56 21.87
N ALA A 409 3.10 9.45 20.55
CA ALA A 409 4.15 10.25 19.91
C ALA A 409 3.93 10.24 18.45
N SER A 410 4.40 11.27 17.82
CA SER A 410 4.14 11.63 16.34
C SER A 410 5.48 12.22 15.88
N SER A 411 5.95 11.87 14.71
CA SER A 411 6.96 12.64 14.04
C SER A 411 6.49 13.05 12.62
N VAL A 412 6.65 14.30 12.28
CA VAL A 412 6.25 14.84 10.99
C VAL A 412 7.42 15.37 10.25
N ALA A 413 7.71 14.74 9.12
CA ALA A 413 8.93 15.13 8.36
C ALA A 413 8.40 16.06 7.27
N TRP A 414 8.54 17.35 7.56
CA TRP A 414 7.99 18.31 6.62
C TRP A 414 8.86 18.41 5.39
N GLY A 415 8.18 18.68 4.28
CA GLY A 415 8.86 19.24 3.06
C GLY A 415 9.02 20.73 3.23
N THR A 416 8.99 21.48 2.13
CA THR A 416 9.25 22.91 2.13
C THR A 416 7.99 23.65 2.38
N TRP A 417 7.99 24.52 3.40
CA TRP A 417 6.85 25.45 3.60
C TRP A 417 7.05 26.73 2.79
N GLY A 418 5.92 27.18 2.26
CA GLY A 418 5.88 28.52 1.65
C GLY A 418 5.51 29.49 2.75
N GLU A 419 5.70 30.80 2.43
CA GLU A 419 5.30 31.97 3.27
C GLU A 419 6.08 32.22 4.59
N VAL A 420 6.21 31.17 5.42
CA VAL A 420 6.79 31.37 6.74
C VAL A 420 7.87 30.32 6.91
N GLY A 421 8.85 30.65 7.75
CA GLY A 421 9.83 29.63 8.21
C GLY A 421 11.15 29.60 7.46
N MET A 422 11.93 28.56 7.76
CA MET A 422 13.35 28.49 7.31
C MET A 422 13.64 28.25 5.85
N ALA A 423 12.57 28.03 5.06
CA ALA A 423 12.75 27.75 3.62
C ALA A 423 12.38 28.96 2.77
N THR A 424 11.88 30.02 3.42
CA THR A 424 11.37 31.21 2.69
C THR A 424 12.49 32.18 2.38
N ASP A 425 13.14 31.93 1.24
CA ASP A 425 14.27 32.71 0.70
C ASP A 425 14.73 32.00 -0.58
N PRO A 426 14.88 32.72 -1.72
CA PRO A 426 15.33 32.05 -2.98
C PRO A 426 16.52 31.03 -2.86
N GLU A 427 17.69 31.48 -2.37
CA GLU A 427 18.93 30.67 -2.12
C GLU A 427 18.92 29.14 -2.31
N VAL A 428 19.00 28.44 -1.17
CA VAL A 428 18.94 26.97 -1.06
C VAL A 428 17.46 26.47 -0.80
N HIS A 429 16.53 27.35 -1.17
CA HIS A 429 15.13 27.04 -1.43
C HIS A 429 15.08 26.55 -2.90
N ASP A 430 15.85 27.23 -3.77
CA ASP A 430 15.94 26.95 -5.21
C ASP A 430 16.57 25.61 -5.62
N ARG A 431 17.54 25.13 -4.85
CA ARG A 431 18.08 23.78 -5.04
C ARG A 431 16.95 22.74 -4.91
N LEU A 432 16.18 22.88 -3.85
CA LEU A 432 15.08 21.96 -3.54
C LEU A 432 13.97 22.02 -4.60
N VAL A 433 13.50 23.23 -4.91
CA VAL A 433 12.50 23.48 -5.96
C VAL A 433 12.86 22.94 -7.36
N ARG A 434 14.07 23.28 -7.86
CA ARG A 434 14.62 22.69 -9.10
C ARG A 434 14.65 21.13 -9.06
N GLN A 435 14.67 20.59 -7.83
CA GLN A 435 14.70 19.16 -7.57
C GLN A 435 13.30 18.57 -7.47
N GLY A 436 12.25 19.41 -7.49
CA GLY A 436 10.88 18.86 -7.39
C GLY A 436 10.29 18.89 -5.98
N VAL A 437 10.96 19.50 -5.00
CA VAL A 437 10.37 19.57 -3.63
C VAL A 437 9.80 20.98 -3.53
N LEU A 438 8.48 21.06 -3.59
CA LEU A 438 7.76 22.34 -3.88
C LEU A 438 7.32 22.95 -2.58
N ALA A 439 7.12 24.28 -2.58
CA ALA A 439 6.61 24.95 -1.41
C ALA A 439 5.12 24.67 -1.17
N MET A 440 4.84 24.15 0.01
CA MET A 440 3.47 23.93 0.48
C MET A 440 2.76 25.24 0.97
N GLU A 441 1.46 25.31 0.67
CA GLU A 441 0.67 26.36 1.28
C GLU A 441 0.52 26.03 2.77
N PRO A 442 0.72 27.01 3.68
CA PRO A 442 0.63 26.60 5.08
C PRO A 442 -0.71 25.96 5.48
N GLU A 443 -1.81 26.44 4.90
CA GLU A 443 -3.08 25.89 5.31
C GLU A 443 -3.18 24.40 4.95
N HIS A 444 -2.59 24.03 3.81
CA HIS A 444 -2.59 22.66 3.34
C HIS A 444 -1.69 21.79 4.25
N ALA A 445 -0.48 22.31 4.58
CA ALA A 445 0.39 21.58 5.48
C ALA A 445 -0.19 21.37 6.83
N LEU A 446 -0.82 22.39 7.38
CA LEU A 446 -1.53 22.24 8.64
C LEU A 446 -2.72 21.32 8.60
N GLY A 447 -3.43 21.33 7.50
CA GLY A 447 -4.62 20.45 7.41
C GLY A 447 -4.15 19.02 7.24
N ALA A 448 -3.04 18.80 6.51
CA ALA A 448 -2.47 17.43 6.46
C ALA A 448 -1.95 16.92 7.84
N LEU A 449 -1.35 17.84 8.64
CA LEU A 449 -0.94 17.46 9.96
C LEU A 449 -2.18 17.13 10.78
N ASP A 450 -3.21 17.94 10.64
CA ASP A 450 -4.44 17.57 11.33
C ASP A 450 -5.00 16.20 10.94
N GLN A 451 -4.95 15.84 9.66
CA GLN A 451 -5.33 14.47 9.24
C GLN A 451 -4.45 13.45 9.95
N MET A 452 -3.16 13.74 10.05
CA MET A 452 -2.29 12.75 10.71
C MET A 452 -2.63 12.58 12.17
N LEU A 453 -2.83 13.70 12.86
CA LEU A 453 -3.18 13.59 14.33
C LEU A 453 -4.57 12.93 14.55
N GLU A 454 -5.50 13.21 13.65
CA GLU A 454 -6.86 12.57 13.74
C GLU A 454 -6.75 11.08 13.52
N ASN A 455 -5.77 10.66 12.71
CA ASN A 455 -5.54 9.22 12.55
C ASN A 455 -4.72 8.57 13.68
N ASP A 456 -4.08 9.45 14.47
CA ASP A 456 -3.06 9.03 15.41
C ASP A 456 -1.93 8.21 14.78
N ASP A 457 -1.55 8.62 13.58
CA ASP A 457 -0.40 7.94 12.87
C ASP A 457 0.85 8.31 13.65
N THR A 458 1.85 7.39 13.70
CA THR A 458 3.08 7.68 14.43
C THR A 458 4.08 8.46 13.60
N ALA A 459 4.17 8.22 12.30
CA ALA A 459 5.15 8.90 11.42
C ALA A 459 4.61 9.26 10.08
N ALA A 460 4.97 10.38 9.50
CA ALA A 460 4.61 10.77 8.14
C ALA A 460 5.58 11.71 7.64
N ALA A 461 5.71 11.83 6.34
CA ALA A 461 6.39 12.95 5.66
C ALA A 461 5.26 13.71 5.06
N ILE A 462 5.31 15.04 5.17
CA ILE A 462 4.20 15.82 4.67
C ILE A 462 4.90 16.80 3.78
N THR A 463 4.71 16.65 2.47
CA THR A 463 5.50 17.34 1.48
C THR A 463 4.80 17.39 0.16
N LEU A 464 4.99 18.51 -0.56
CA LEU A 464 4.50 18.61 -1.92
C LEU A 464 5.64 18.32 -2.89
N MET A 465 5.48 17.26 -3.69
CA MET A 465 6.56 16.74 -4.52
C MET A 465 6.11 16.77 -5.98
N ASP A 466 7.03 17.11 -6.87
CA ASP A 466 6.81 16.86 -8.29
C ASP A 466 7.73 15.70 -8.59
N TRP A 467 7.20 14.48 -8.72
CA TRP A 467 7.93 13.30 -8.92
C TRP A 467 8.70 13.19 -10.24
N GLU A 468 8.14 13.89 -11.23
CA GLU A 468 8.75 13.87 -12.52
C GLU A 468 10.10 14.54 -12.48
N MET A 469 10.25 15.52 -11.60
CA MET A 469 11.52 16.22 -11.42
C MET A 469 12.37 15.53 -10.35
N PHE A 470 11.72 15.14 -9.25
CA PHE A 470 12.50 14.59 -8.16
C PHE A 470 13.10 13.22 -8.46
N ALA A 471 12.32 12.25 -8.95
CA ALA A 471 12.81 10.87 -9.07
C ALA A 471 14.10 10.80 -9.93
N PRO A 472 14.09 11.38 -11.13
CA PRO A 472 15.31 11.27 -11.98
C PRO A 472 16.53 11.94 -11.35
N ALA A 473 16.32 13.11 -10.74
CA ALA A 473 17.39 13.85 -10.05
C ALA A 473 17.94 13.01 -8.87
N PHE A 474 17.06 12.38 -8.09
CA PHE A 474 17.51 11.75 -6.85
C PHE A 474 18.24 10.48 -7.15
N THR A 475 17.96 9.90 -8.31
CA THR A 475 18.49 8.58 -8.72
C THR A 475 19.59 8.60 -9.84
N ALA A 476 20.12 9.77 -10.05
CA ALA A 476 20.99 9.92 -11.26
C ALA A 476 22.26 9.12 -11.08
N ASN A 477 22.79 9.11 -9.88
CA ASN A 477 24.00 8.29 -9.63
C ASN A 477 23.84 6.91 -9.09
N ARG A 478 22.67 6.66 -8.53
CA ARG A 478 22.46 5.47 -7.81
C ARG A 478 20.95 5.20 -7.75
N PRO A 479 20.54 3.92 -7.88
CA PRO A 479 19.12 3.72 -7.76
C PRO A 479 18.66 3.84 -6.32
N SER A 480 17.39 4.10 -6.20
CA SER A 480 16.72 4.24 -4.92
C SER A 480 15.58 3.21 -4.83
N ALA A 481 15.79 2.14 -4.05
CA ALA A 481 14.70 1.15 -3.89
C ALA A 481 13.62 1.79 -3.01
N LEU A 482 13.98 2.78 -2.20
CA LEU A 482 12.98 3.53 -1.39
C LEU A 482 11.76 4.03 -2.20
N LEU A 483 11.99 4.42 -3.43
CA LEU A 483 10.91 5.09 -4.17
C LEU A 483 10.16 4.12 -5.12
N SER A 484 10.49 2.84 -5.13
CA SER A 484 9.84 1.91 -6.10
C SER A 484 8.34 1.68 -5.71
N THR A 485 7.98 2.04 -4.47
CA THR A 485 6.59 1.94 -4.04
C THR A 485 5.78 3.24 -4.24
N VAL A 486 6.40 4.27 -4.83
CA VAL A 486 5.64 5.45 -5.27
C VAL A 486 5.42 5.38 -6.75
N PRO A 487 4.18 5.20 -7.19
CA PRO A 487 4.02 4.96 -8.60
C PRO A 487 4.43 6.09 -9.54
N GLU A 488 4.26 7.34 -9.08
CA GLU A 488 4.73 8.52 -9.85
C GLU A 488 6.23 8.50 -10.05
N ALA A 489 6.96 7.90 -9.06
CA ALA A 489 8.42 7.81 -9.24
C ALA A 489 8.80 6.72 -10.20
N VAL A 490 8.14 5.58 -10.10
CA VAL A 490 8.29 4.49 -11.12
C VAL A 490 7.95 5.03 -12.53
N SER A 491 6.85 5.73 -12.66
CA SER A 491 6.49 6.37 -13.97
C SER A 491 7.56 7.34 -14.51
N ALA A 492 8.13 8.16 -13.65
CA ALA A 492 9.12 9.14 -14.04
C ALA A 492 10.42 8.50 -14.49
N LEU A 493 10.68 7.30 -14.00
CA LEU A 493 11.90 6.54 -14.34
C LEU A 493 11.72 5.61 -15.53
N SER A 494 10.51 5.51 -16.07
CA SER A 494 10.21 4.51 -17.11
C SER A 494 10.78 4.92 -18.47
N SER B 19 10.46 -2.16 -15.23
CA SER B 19 10.04 -3.39 -15.99
C SER B 19 8.67 -3.20 -16.67
N HIS B 20 8.64 -3.62 -17.92
CA HIS B 20 7.43 -3.57 -18.74
C HIS B 20 6.35 -4.48 -18.19
N MET B 21 6.78 -5.62 -17.69
CA MET B 21 5.91 -6.61 -17.02
C MET B 21 5.27 -6.01 -15.75
N ASP B 22 6.05 -5.34 -14.92
CA ASP B 22 5.52 -4.71 -13.69
C ASP B 22 4.44 -3.68 -14.06
N ALA B 23 4.64 -2.98 -15.19
CA ALA B 23 3.75 -1.86 -15.57
C ALA B 23 2.36 -2.34 -16.00
N LEU B 24 2.25 -3.58 -16.29
CA LEU B 24 0.95 -4.24 -16.56
C LEU B 24 0.19 -4.63 -15.34
N ARG B 25 0.78 -4.74 -14.13
CA ARG B 25 0.02 -5.37 -13.01
C ARG B 25 -0.54 -4.38 -12.03
N TYR B 26 -1.81 -4.61 -11.79
CA TYR B 26 -2.61 -3.78 -10.81
C TYR B 26 -3.32 -4.74 -9.91
N HIS B 27 -3.69 -4.22 -8.72
CA HIS B 27 -4.59 -5.00 -7.96
C HIS B 27 -5.64 -4.18 -7.24
N ILE B 28 -6.69 -4.90 -6.86
CA ILE B 28 -7.75 -4.35 -6.08
C ILE B 28 -7.37 -4.26 -4.62
N GLU B 29 -7.63 -3.10 -4.01
CA GLU B 29 -7.37 -2.93 -2.59
C GLU B 29 -8.62 -2.26 -2.02
N TRP B 30 -8.70 -2.17 -0.69
CA TRP B 30 -9.90 -1.61 -0.01
C TRP B 30 -9.41 -0.60 1.02
N ASN B 31 -9.83 0.67 0.81
CA ASN B 31 -9.36 1.74 1.70
C ASN B 31 -10.52 2.19 2.60
N ARG B 32 -10.22 2.46 3.89
CA ARG B 32 -11.26 3.05 4.76
C ARG B 32 -11.71 4.46 4.31
N VAL B 33 -13.04 4.73 4.31
CA VAL B 33 -13.55 6.02 3.93
C VAL B 33 -14.17 6.62 5.20
N ALA B 34 -14.50 7.87 5.07
CA ALA B 34 -15.14 8.54 6.20
C ALA B 34 -16.55 7.99 6.52
N GLU B 35 -16.85 8.03 7.82
CA GLU B 35 -18.14 7.63 8.35
C GLU B 35 -19.24 8.46 7.75
N PRO B 36 -20.35 7.84 7.44
CA PRO B 36 -21.52 8.58 6.90
C PRO B 36 -22.22 9.34 8.06
N GLY B 37 -23.25 10.07 7.69
CA GLY B 37 -24.03 10.81 8.68
C GLY B 37 -24.86 9.87 9.55
N THR B 38 -24.98 8.58 9.22
CA THR B 38 -25.65 7.61 10.13
C THR B 38 -26.81 8.51 10.70
N ALA B 39 -28.06 8.25 10.19
CA ALA B 39 -29.12 9.34 10.09
C ALA B 39 -29.90 9.11 8.74
N ARG B 40 -31.12 8.62 8.80
CA ARG B 40 -31.62 7.83 7.67
C ARG B 40 -32.10 8.74 6.54
N PRO B 41 -32.28 8.21 5.33
CA PRO B 41 -32.77 9.11 4.30
C PRO B 41 -34.13 9.64 4.62
N ALA B 42 -34.32 10.93 4.36
CA ALA B 42 -35.63 11.56 4.47
C ALA B 42 -36.79 10.87 3.73
N GLY B 43 -36.59 10.59 2.43
CA GLY B 43 -37.64 10.00 1.58
C GLY B 43 -37.79 8.51 1.80
N ARG B 44 -38.74 7.85 1.13
CA ARG B 44 -39.10 6.44 1.37
C ARG B 44 -38.15 5.54 0.55
N LEU B 45 -37.65 4.49 1.17
CA LEU B 45 -36.95 3.42 0.47
C LEU B 45 -37.85 2.33 -0.02
N LEU B 46 -37.47 1.69 -1.13
CA LEU B 46 -38.14 0.51 -1.63
C LEU B 46 -37.16 -0.62 -1.45
N ALA B 47 -37.51 -1.63 -0.66
CA ALA B 47 -36.66 -2.80 -0.50
C ALA B 47 -37.19 -3.95 -1.34
N VAL B 48 -36.30 -4.62 -2.07
CA VAL B 48 -36.67 -5.74 -2.96
C VAL B 48 -36.16 -7.04 -2.37
N ILE B 49 -37.02 -8.05 -2.21
CA ILE B 49 -36.69 -9.26 -1.44
C ILE B 49 -36.96 -10.42 -2.35
N SER B 50 -36.11 -11.45 -2.33
CA SER B 50 -36.42 -12.66 -3.08
C SER B 50 -37.22 -13.50 -2.14
N PRO B 51 -38.50 -13.74 -2.44
CA PRO B 51 -39.37 -14.25 -1.33
C PRO B 51 -39.01 -15.67 -0.85
N ASP B 52 -38.43 -16.53 -1.69
CA ASP B 52 -37.95 -17.80 -1.18
C ASP B 52 -36.58 -17.72 -0.47
N HIS B 53 -35.98 -16.51 -0.41
CA HIS B 53 -34.62 -16.41 0.04
C HIS B 53 -34.53 -15.15 0.87
N ALA B 54 -35.43 -15.08 1.88
CA ALA B 54 -35.64 -13.91 2.67
C ALA B 54 -35.28 -14.16 4.12
N GLY B 55 -34.70 -15.30 4.43
CA GLY B 55 -34.42 -15.74 5.80
C GLY B 55 -33.02 -15.61 6.34
N ALA B 56 -32.02 -15.23 5.53
CA ALA B 56 -30.63 -15.15 6.04
C ALA B 56 -30.54 -14.05 7.11
N PRO B 57 -29.64 -14.21 8.11
CA PRO B 57 -29.64 -13.24 9.19
C PRO B 57 -29.36 -11.85 8.66
N TRP B 58 -28.46 -11.67 7.69
CA TRP B 58 -28.22 -10.33 7.25
C TRP B 58 -29.37 -9.73 6.54
N VAL B 59 -30.18 -10.55 5.84
CA VAL B 59 -31.41 -10.00 5.19
C VAL B 59 -32.42 -9.51 6.20
N THR B 60 -32.66 -10.26 7.27
CA THR B 60 -33.49 -9.77 8.35
C THR B 60 -32.93 -8.50 9.08
N ALA B 61 -31.57 -8.47 9.27
CA ALA B 61 -30.99 -7.29 9.92
C ALA B 61 -31.11 -6.06 9.01
N VAL B 62 -30.91 -6.22 7.67
CA VAL B 62 -31.05 -5.09 6.82
C VAL B 62 -32.50 -4.58 6.81
N LEU B 63 -33.48 -5.48 6.70
CA LEU B 63 -34.89 -5.06 6.67
C LEU B 63 -35.20 -4.32 7.95
N ASP B 64 -34.71 -4.85 9.08
CA ASP B 64 -34.90 -4.11 10.37
C ASP B 64 -34.22 -2.72 10.36
N ALA B 65 -33.01 -2.63 9.77
CA ALA B 65 -32.33 -1.32 9.72
C ALA B 65 -33.06 -0.30 8.80
N LEU B 66 -33.70 -0.75 7.71
CA LEU B 66 -34.37 0.18 6.87
C LEU B 66 -35.66 0.75 7.48
N GLY B 67 -36.20 0.07 8.48
CA GLY B 67 -37.39 0.67 9.16
C GLY B 67 -38.68 0.23 8.56
N PRO B 68 -39.73 0.30 9.37
CA PRO B 68 -41.01 -0.25 8.96
C PRO B 68 -41.73 0.60 7.99
N ASP B 69 -41.26 1.79 7.77
CA ASP B 69 -41.88 2.69 6.80
C ASP B 69 -41.44 2.34 5.37
N THR B 70 -40.35 1.59 5.23
CA THR B 70 -39.81 1.18 3.92
C THR B 70 -40.83 0.25 3.24
N VAL B 71 -41.12 0.48 1.94
CA VAL B 71 -42.10 -0.34 1.17
C VAL B 71 -41.34 -1.55 0.67
N ARG B 72 -41.94 -2.71 0.72
CA ARG B 72 -41.33 -4.01 0.46
C ARG B 72 -41.96 -4.47 -0.80
N PHE B 73 -41.13 -4.93 -1.72
CA PHE B 73 -41.53 -5.51 -2.99
C PHE B 73 -40.93 -6.94 -3.00
N GLU B 74 -41.79 -7.97 -3.07
CA GLU B 74 -41.33 -9.38 -3.34
C GLU B 74 -41.24 -9.67 -4.81
N ALA B 75 -40.01 -9.89 -5.26
CA ALA B 75 -39.77 -10.18 -6.68
C ALA B 75 -39.92 -11.65 -6.94
N LYS B 76 -41.05 -12.09 -7.49
CA LYS B 76 -41.31 -13.53 -7.55
C LYS B 76 -40.93 -14.06 -8.91
N GLY B 77 -40.23 -15.20 -8.91
CA GLY B 77 -39.83 -15.83 -10.16
C GLY B 77 -38.89 -14.98 -10.95
N THR B 78 -39.05 -15.00 -12.26
CA THR B 78 -38.26 -14.14 -13.10
C THR B 78 -39.11 -13.67 -14.24
N ASP B 79 -39.87 -12.62 -14.04
CA ASP B 79 -40.87 -12.25 -15.03
C ASP B 79 -40.78 -10.74 -15.14
N ARG B 80 -39.97 -10.28 -16.13
CA ARG B 80 -39.71 -8.86 -16.33
C ARG B 80 -41.03 -8.02 -16.50
N ALA B 81 -41.90 -8.46 -17.43
CA ALA B 81 -43.12 -7.71 -17.61
C ALA B 81 -44.07 -7.72 -16.39
N ALA B 82 -44.17 -8.80 -15.62
CA ALA B 82 -44.99 -8.71 -14.45
C ALA B 82 -44.42 -7.75 -13.38
N TRP B 83 -43.11 -7.81 -13.18
CA TRP B 83 -42.51 -6.85 -12.26
C TRP B 83 -42.59 -5.41 -12.71
N ALA B 84 -42.37 -5.15 -14.03
CA ALA B 84 -42.57 -3.81 -14.51
C ALA B 84 -43.96 -3.30 -14.12
N ALA B 85 -45.00 -4.11 -14.33
CA ALA B 85 -46.36 -3.68 -13.88
C ALA B 85 -46.57 -3.41 -12.37
N GLN B 86 -45.94 -4.32 -11.60
CA GLN B 86 -45.99 -4.17 -10.15
C GLN B 86 -45.29 -2.92 -9.61
N LEU B 87 -44.08 -2.67 -10.17
CA LEU B 87 -43.32 -1.55 -9.80
C LEU B 87 -43.96 -0.17 -10.21
N ALA B 88 -44.54 -0.15 -11.42
CA ALA B 88 -45.29 1.04 -11.92
C ALA B 88 -46.40 1.43 -10.94
N GLN B 89 -47.12 0.45 -10.51
CA GLN B 89 -48.11 0.68 -9.41
C GLN B 89 -47.57 1.22 -8.12
N LEU B 90 -46.52 0.59 -7.58
CA LEU B 90 -45.90 1.06 -6.39
C LEU B 90 -45.44 2.50 -6.55
N ARG B 91 -44.89 2.86 -7.73
CA ARG B 91 -44.31 4.19 -7.96
C ARG B 91 -45.42 5.25 -7.97
N GLU B 92 -46.60 4.72 -8.61
CA GLU B 92 -47.81 5.58 -8.77
C GLU B 92 -48.35 5.99 -7.38
N ASP B 93 -48.51 5.00 -6.51
CA ASP B 93 -48.94 5.22 -5.10
C ASP B 93 -47.97 5.99 -4.22
N GLU B 94 -46.66 5.72 -4.34
CA GLU B 94 -45.70 6.41 -3.48
C GLU B 94 -45.19 7.75 -4.00
N GLY B 95 -45.17 7.92 -5.31
CA GLY B 95 -44.41 9.03 -5.88
C GLY B 95 -42.99 8.53 -5.73
N GLU B 96 -42.01 9.38 -6.00
CA GLU B 96 -40.66 8.94 -6.08
C GLU B 96 -40.10 8.36 -4.78
N PHE B 97 -39.41 7.22 -4.92
CA PHE B 97 -38.61 6.66 -3.78
C PHE B 97 -37.22 7.38 -3.70
N HIS B 98 -36.60 7.31 -2.49
CA HIS B 98 -35.26 7.90 -2.31
C HIS B 98 -34.20 6.97 -2.92
N ALA B 99 -34.43 5.64 -2.78
CA ALA B 99 -33.53 4.61 -3.38
C ALA B 99 -34.22 3.30 -3.32
N VAL B 100 -33.72 2.35 -4.12
CA VAL B 100 -34.18 0.95 -4.16
C VAL B 100 -33.07 0.15 -3.59
N VAL B 101 -33.38 -0.70 -2.62
CA VAL B 101 -32.35 -1.49 -1.87
C VAL B 101 -32.72 -2.92 -2.18
N SER B 102 -31.86 -3.50 -2.99
CA SER B 102 -32.12 -4.90 -3.38
C SER B 102 -31.42 -5.89 -2.45
N LEU B 103 -32.16 -6.88 -1.94
CA LEU B 103 -31.62 -7.97 -1.14
C LEU B 103 -31.72 -9.28 -1.98
N LEU B 104 -31.87 -9.15 -3.31
CA LEU B 104 -31.97 -10.37 -4.12
C LEU B 104 -30.75 -11.27 -4.12
N ALA B 105 -29.57 -10.71 -3.84
CA ALA B 105 -28.35 -11.56 -3.85
C ALA B 105 -28.39 -12.74 -2.86
N ALA B 106 -29.25 -12.64 -1.85
CA ALA B 106 -29.34 -13.76 -0.93
C ALA B 106 -29.83 -15.05 -1.62
N ALA B 107 -30.50 -14.92 -2.77
CA ALA B 107 -30.93 -16.13 -3.53
C ALA B 107 -29.76 -16.70 -4.28
N GLU B 108 -29.07 -17.64 -3.64
CA GLU B 108 -27.89 -18.22 -4.32
C GLU B 108 -28.22 -19.50 -5.11
N ALA B 109 -29.38 -20.14 -4.84
CA ALA B 109 -29.74 -21.38 -5.54
C ALA B 109 -29.75 -21.08 -7.02
N LEU B 110 -29.39 -22.09 -7.77
CA LEU B 110 -29.44 -21.93 -9.21
C LEU B 110 -30.87 -21.84 -9.78
N HIS B 111 -31.08 -21.03 -10.83
CA HIS B 111 -32.38 -20.89 -11.49
C HIS B 111 -32.76 -22.30 -12.10
N THR B 112 -34.00 -22.68 -11.91
CA THR B 112 -34.47 -24.01 -12.38
C THR B 112 -34.38 -24.18 -13.90
N ASP B 113 -34.41 -23.05 -14.60
CA ASP B 113 -34.37 -23.09 -16.10
C ASP B 113 -33.02 -22.72 -16.70
N HIS B 114 -32.09 -22.23 -15.89
CA HIS B 114 -30.84 -21.76 -16.42
C HIS B 114 -29.82 -22.21 -15.34
N GLY B 115 -29.27 -23.43 -15.49
CA GLY B 115 -28.50 -24.09 -14.47
C GLY B 115 -27.17 -23.50 -14.13
N SER B 116 -26.64 -22.44 -14.82
CA SER B 116 -25.44 -21.73 -14.49
C SER B 116 -25.74 -20.34 -13.97
N VAL B 117 -27.08 -20.00 -13.76
CA VAL B 117 -27.40 -18.63 -13.31
C VAL B 117 -27.95 -18.74 -11.86
N PRO B 118 -27.26 -18.21 -10.86
CA PRO B 118 -27.82 -18.05 -9.56
C PRO B 118 -29.12 -17.29 -9.62
N LEU B 119 -30.16 -17.73 -8.93
CA LEU B 119 -31.44 -17.02 -9.01
C LEU B 119 -31.31 -15.55 -8.73
N GLY B 120 -30.52 -15.17 -7.70
CA GLY B 120 -30.42 -13.79 -7.25
C GLY B 120 -29.78 -12.93 -8.39
N LEU B 121 -28.91 -13.53 -9.18
CA LEU B 121 -28.25 -12.84 -10.28
C LEU B 121 -29.28 -12.61 -11.40
N ALA B 122 -30.06 -13.65 -11.78
CA ALA B 122 -31.17 -13.51 -12.79
C ALA B 122 -32.14 -12.42 -12.29
N GLN B 123 -32.51 -12.47 -11.01
CA GLN B 123 -33.57 -11.59 -10.54
C GLN B 123 -33.03 -10.15 -10.45
N THR B 124 -31.75 -9.96 -10.16
CA THR B 124 -31.11 -8.61 -10.18
C THR B 124 -31.13 -8.04 -11.60
N LEU B 125 -30.73 -8.84 -12.61
CA LEU B 125 -30.85 -8.36 -14.00
C LEU B 125 -32.27 -7.85 -14.29
N LEU B 126 -33.28 -8.69 -13.93
CA LEU B 126 -34.60 -8.42 -14.35
C LEU B 126 -35.14 -7.24 -13.54
N LEU B 127 -34.71 -7.08 -12.29
CA LEU B 127 -34.99 -5.86 -11.56
C LEU B 127 -34.45 -4.58 -12.16
N ALA B 128 -33.15 -4.60 -12.53
CA ALA B 128 -32.65 -3.46 -13.25
C ALA B 128 -33.45 -3.15 -14.54
N GLN B 129 -33.85 -4.18 -15.26
CA GLN B 129 -34.62 -4.02 -16.53
C GLN B 129 -35.99 -3.44 -16.17
N ALA B 130 -36.68 -4.07 -15.19
CA ALA B 130 -38.08 -3.68 -14.89
C ALA B 130 -38.14 -2.27 -14.29
N LEU B 131 -37.13 -1.87 -13.50
CA LEU B 131 -37.09 -0.49 -12.90
C LEU B 131 -37.07 0.56 -14.05
N GLY B 132 -36.21 0.28 -15.02
CA GLY B 132 -36.16 1.12 -16.28
C GLY B 132 -37.54 1.16 -16.94
N ASP B 133 -38.09 -0.07 -17.10
CA ASP B 133 -39.37 -0.17 -17.85
C ASP B 133 -40.46 0.61 -17.16
N ALA B 134 -40.54 0.50 -15.81
CA ALA B 134 -41.58 1.23 -15.10
C ALA B 134 -41.30 2.68 -14.84
N GLY B 135 -40.09 3.19 -15.10
CA GLY B 135 -39.78 4.61 -14.85
C GLY B 135 -39.51 4.92 -13.40
N LEU B 136 -39.10 3.89 -12.65
CA LEU B 136 -38.60 4.18 -11.26
C LEU B 136 -37.19 4.68 -11.38
N THR B 137 -36.92 5.88 -10.98
CA THR B 137 -35.58 6.45 -11.18
C THR B 137 -34.67 6.47 -9.91
N ALA B 138 -35.23 6.10 -8.77
CA ALA B 138 -34.45 6.15 -7.53
C ALA B 138 -33.23 5.19 -7.73
N PRO B 139 -32.08 5.62 -7.21
CA PRO B 139 -30.85 4.78 -7.37
C PRO B 139 -31.01 3.43 -6.79
N LEU B 140 -30.54 2.48 -7.60
CA LEU B 140 -30.55 1.07 -7.13
C LEU B 140 -29.25 0.73 -6.39
N TRP B 141 -29.39 0.18 -5.18
CA TRP B 141 -28.26 -0.35 -4.42
C TRP B 141 -28.41 -1.83 -4.28
N CYS B 142 -27.35 -2.54 -4.64
CA CYS B 142 -27.41 -4.03 -4.54
C CYS B 142 -26.56 -4.44 -3.30
N LEU B 143 -27.18 -5.13 -2.36
CA LEU B 143 -26.48 -5.54 -1.12
C LEU B 143 -26.06 -7.02 -1.27
N THR B 144 -24.88 -7.29 -0.78
CA THR B 144 -24.36 -8.68 -0.68
C THR B 144 -23.79 -8.97 0.71
N ARG B 145 -23.54 -10.25 0.99
CA ARG B 145 -22.95 -10.68 2.26
C ARG B 145 -21.85 -11.65 1.86
N GLY B 146 -20.59 -11.24 2.03
CA GLY B 146 -19.46 -12.11 1.72
C GLY B 146 -19.13 -12.21 0.26
N GLY B 147 -19.55 -11.25 -0.52
CA GLY B 147 -19.29 -11.21 -1.99
C GLY B 147 -17.96 -10.61 -2.41
N VAL B 148 -17.30 -9.95 -1.44
CA VAL B 148 -15.95 -9.36 -1.65
C VAL B 148 -15.08 -9.74 -0.48
N ALA B 149 -13.75 -9.68 -0.69
CA ALA B 149 -12.78 -9.83 0.41
C ALA B 149 -12.21 -8.45 0.63
N ALA B 150 -12.70 -7.82 1.71
CA ALA B 150 -12.31 -6.46 2.06
C ALA B 150 -11.94 -6.35 3.56
N GLY B 151 -10.72 -5.94 3.81
CA GLY B 151 -10.34 -5.77 5.23
C GLY B 151 -9.38 -6.91 5.54
N ARG B 152 -8.38 -6.67 6.39
CA ARG B 152 -7.35 -7.73 6.62
C ARG B 152 -8.02 -8.90 7.27
N GLY B 153 -7.72 -10.08 6.73
CA GLY B 153 -8.31 -11.31 7.20
C GLY B 153 -9.75 -11.59 6.76
N ASP B 154 -10.32 -10.74 5.89
CA ASP B 154 -11.72 -10.94 5.56
C ASP B 154 -11.94 -12.24 4.83
N VAL B 155 -13.09 -12.88 5.05
CA VAL B 155 -13.36 -14.12 4.34
C VAL B 155 -14.44 -13.82 3.29
N LEU B 156 -14.10 -14.08 2.02
CA LEU B 156 -15.10 -14.01 1.03
C LEU B 156 -15.85 -15.37 1.08
N SER B 157 -17.03 -15.36 1.64
CA SER B 157 -17.80 -16.54 1.90
C SER B 157 -18.74 -16.99 0.79
N SER B 158 -19.11 -16.07 -0.15
CA SER B 158 -20.07 -16.35 -1.22
C SER B 158 -19.59 -15.90 -2.59
N PRO B 159 -18.80 -16.74 -3.30
CA PRO B 159 -18.44 -16.41 -4.67
C PRO B 159 -19.63 -16.17 -5.52
N VAL B 160 -20.81 -16.83 -5.30
CA VAL B 160 -21.95 -16.56 -6.13
C VAL B 160 -22.44 -15.13 -5.95
N GLN B 161 -22.51 -14.63 -4.72
CA GLN B 161 -22.92 -13.24 -4.61
C GLN B 161 -21.83 -12.29 -5.17
N GLY B 162 -20.57 -12.77 -5.14
CA GLY B 162 -19.46 -12.05 -5.74
C GLY B 162 -19.63 -11.78 -7.25
N ALA B 163 -20.27 -12.68 -7.92
CA ALA B 163 -20.55 -12.44 -9.34
C ALA B 163 -21.43 -11.23 -9.57
N LEU B 164 -22.36 -11.01 -8.63
CA LEU B 164 -23.29 -9.87 -8.71
C LEU B 164 -22.54 -8.53 -8.82
N TRP B 165 -21.32 -8.40 -8.28
CA TRP B 165 -20.56 -7.16 -8.43
C TRP B 165 -20.16 -6.88 -9.84
N GLY B 166 -19.88 -7.97 -10.60
CA GLY B 166 -19.53 -7.69 -12.01
C GLY B 166 -20.72 -7.10 -12.78
N LEU B 167 -21.89 -7.69 -12.56
CA LEU B 167 -23.09 -7.12 -13.11
C LEU B 167 -23.33 -5.73 -12.66
N GLY B 168 -23.22 -5.45 -11.37
CA GLY B 168 -23.50 -4.09 -10.90
C GLY B 168 -22.61 -3.07 -11.49
N ARG B 169 -21.33 -3.37 -11.59
CA ARG B 169 -20.49 -2.34 -12.14
C ARG B 169 -20.91 -1.98 -13.60
N VAL B 170 -21.40 -2.99 -14.37
CA VAL B 170 -21.88 -2.70 -15.72
C VAL B 170 -23.17 -1.91 -15.65
N ILE B 171 -24.09 -2.20 -14.73
CA ILE B 171 -25.27 -1.34 -14.55
C ILE B 171 -24.86 0.10 -14.30
N GLY B 172 -23.80 0.31 -13.51
CA GLY B 172 -23.33 1.69 -13.19
C GLY B 172 -22.82 2.39 -14.49
N LEU B 173 -22.23 1.63 -15.43
CA LEU B 173 -21.75 2.18 -16.70
C LEU B 173 -22.88 2.41 -17.67
N GLU B 174 -23.94 1.60 -17.68
CA GLU B 174 -25.00 1.70 -18.64
C GLU B 174 -26.16 2.57 -18.21
N HIS B 175 -26.39 2.58 -16.91
CA HIS B 175 -27.54 3.30 -16.27
C HIS B 175 -27.01 4.13 -15.13
N PRO B 176 -26.00 4.99 -15.39
CA PRO B 176 -25.39 5.70 -14.25
C PRO B 176 -26.35 6.56 -13.49
N ASP B 177 -27.44 7.01 -14.09
CA ASP B 177 -28.28 7.96 -13.38
C ASP B 177 -29.22 7.38 -12.45
N ARG B 178 -29.46 6.06 -12.57
CA ARG B 178 -30.34 5.36 -11.67
C ARG B 178 -29.58 4.25 -10.89
N TRP B 179 -28.25 4.29 -10.87
CA TRP B 179 -27.42 3.34 -10.07
C TRP B 179 -26.85 3.96 -8.87
N GLY B 180 -27.14 3.29 -7.76
CA GLY B 180 -26.58 3.65 -6.44
C GLY B 180 -25.19 3.01 -6.25
N GLY B 181 -25.19 1.70 -6.20
CA GLY B 181 -23.98 0.97 -6.05
C GLY B 181 -24.16 -0.35 -5.32
N LEU B 182 -23.01 -0.86 -4.86
CA LEU B 182 -22.91 -2.15 -4.19
C LEU B 182 -22.35 -2.01 -2.82
N ILE B 183 -22.99 -2.68 -1.88
CA ILE B 183 -22.45 -2.66 -0.53
C ILE B 183 -22.48 -4.05 0.02
N ASP B 184 -21.32 -4.49 0.50
CA ASP B 184 -21.23 -5.83 1.14
C ASP B 184 -21.35 -5.68 2.70
N LEU B 185 -22.27 -6.42 3.28
CA LEU B 185 -22.49 -6.35 4.75
C LEU B 185 -21.60 -7.35 5.45
N PRO B 186 -21.37 -7.13 6.75
CA PRO B 186 -20.65 -8.15 7.57
C PRO B 186 -21.56 -9.30 7.94
N GLU B 187 -21.01 -10.40 8.56
CA GLU B 187 -21.95 -11.54 8.88
C GLU B 187 -22.99 -11.18 9.93
N THR B 188 -22.48 -10.38 10.89
CA THR B 188 -23.37 -9.83 11.93
C THR B 188 -23.59 -8.31 11.75
N VAL B 189 -24.83 -7.98 11.40
CA VAL B 189 -25.19 -6.60 11.15
C VAL B 189 -25.73 -6.03 12.48
N ASP B 190 -24.81 -5.48 13.27
CA ASP B 190 -25.09 -4.85 14.57
C ASP B 190 -25.41 -3.40 14.35
N THR B 191 -25.67 -2.65 15.41
CA THR B 191 -26.22 -1.31 15.15
C THR B 191 -25.19 -0.35 14.48
N ARG B 192 -23.92 -0.50 14.76
CA ARG B 192 -22.89 0.28 14.12
C ARG B 192 -22.92 -0.05 12.62
N ALA B 193 -23.05 -1.34 12.28
CA ALA B 193 -23.11 -1.68 10.86
C ALA B 193 -24.40 -1.14 10.18
N ALA B 194 -25.57 -1.26 10.86
CA ALA B 194 -26.84 -0.74 10.38
C ALA B 194 -26.77 0.72 10.12
N ALA B 195 -26.16 1.48 11.00
CA ALA B 195 -26.15 2.93 10.84
C ALA B 195 -25.20 3.34 9.70
N ARG B 196 -24.13 2.55 9.54
CA ARG B 196 -23.24 2.79 8.35
C ARG B 196 -24.08 2.55 7.10
N LEU B 197 -24.90 1.47 7.07
CA LEU B 197 -25.67 1.28 5.90
C LEU B 197 -26.67 2.41 5.59
N THR B 198 -27.50 2.73 6.57
CA THR B 198 -28.54 3.72 6.34
C THR B 198 -27.91 5.14 6.05
N GLY B 199 -26.77 5.40 6.73
CA GLY B 199 -25.90 6.59 6.49
C GLY B 199 -25.54 6.68 5.04
N LEU B 200 -24.96 5.58 4.51
CA LEU B 200 -24.60 5.58 3.06
C LEU B 200 -25.77 5.75 2.15
N LEU B 201 -26.91 5.13 2.47
CA LEU B 201 -28.08 5.29 1.60
C LEU B 201 -28.52 6.76 1.62
N ALA B 202 -28.32 7.45 2.74
CA ALA B 202 -28.62 8.90 2.76
C ALA B 202 -27.65 9.76 1.92
N ASP B 203 -26.36 9.45 1.99
CA ASP B 203 -25.31 10.10 1.21
C ASP B 203 -24.09 9.24 1.24
N ALA B 204 -23.60 8.82 0.05
CA ALA B 204 -22.42 7.91 0.06
C ALA B 204 -21.09 8.61 -0.23
N GLY B 205 -21.09 9.96 -0.24
CA GLY B 205 -19.86 10.68 -0.52
C GLY B 205 -19.26 10.38 -1.91
N GLY B 206 -20.06 9.99 -2.90
CA GLY B 206 -19.45 9.70 -4.19
C GLY B 206 -18.81 8.29 -4.24
N GLU B 207 -19.04 7.47 -3.25
CA GLU B 207 -18.57 6.05 -3.26
C GLU B 207 -19.72 5.18 -3.78
N ASP B 208 -19.39 4.06 -4.45
CA ASP B 208 -20.38 3.15 -4.95
C ASP B 208 -19.95 1.66 -5.00
N GLN B 209 -18.79 1.37 -4.35
CA GLN B 209 -18.42 -0.04 -4.26
C GLN B 209 -17.82 -0.14 -2.85
N LEU B 210 -18.67 -0.58 -1.90
CA LEU B 210 -18.43 -0.40 -0.45
C LEU B 210 -18.53 -1.70 0.31
N ALA B 211 -17.74 -1.84 1.36
CA ALA B 211 -17.88 -3.00 2.31
C ALA B 211 -17.98 -2.44 3.66
N ILE B 212 -19.03 -2.85 4.39
CA ILE B 212 -19.18 -2.44 5.78
C ILE B 212 -18.54 -3.55 6.64
N ARG B 213 -17.60 -3.16 7.50
CA ARG B 213 -16.84 -4.17 8.33
C ARG B 213 -16.81 -3.65 9.77
N GLY B 214 -16.36 -4.49 10.71
CA GLY B 214 -16.38 -4.07 12.10
C GLY B 214 -15.48 -2.85 12.27
N SER B 215 -14.39 -2.78 11.49
CA SER B 215 -13.40 -1.69 11.60
C SER B 215 -13.78 -0.39 10.92
N GLY B 216 -14.80 -0.41 10.06
CA GLY B 216 -15.13 0.81 9.33
C GLY B 216 -15.77 0.49 7.99
N VAL B 217 -16.07 1.57 7.29
CA VAL B 217 -16.54 1.47 5.91
C VAL B 217 -15.34 1.48 5.02
N LEU B 218 -15.25 0.46 4.18
CA LEU B 218 -14.15 0.33 3.18
C LEU B 218 -14.72 0.52 1.75
N ALA B 219 -13.88 1.08 0.88
CA ALA B 219 -14.26 1.28 -0.54
C ALA B 219 -13.22 0.69 -1.44
N ARG B 220 -13.72 0.28 -2.63
CA ARG B 220 -12.88 -0.53 -3.55
C ARG B 220 -12.00 0.43 -4.33
N ARG B 221 -10.73 0.00 -4.49
CA ARG B 221 -9.75 0.86 -5.15
C ARG B 221 -8.87 0.03 -6.09
N LEU B 222 -8.46 0.60 -7.22
CA LEU B 222 -7.43 -0.10 -8.06
C LEU B 222 -6.11 0.61 -7.90
N ALA B 223 -5.04 -0.21 -7.71
CA ALA B 223 -3.69 0.38 -7.46
C ALA B 223 -2.67 -0.36 -8.33
N HIS B 224 -1.61 0.30 -8.76
CA HIS B 224 -0.48 -0.42 -9.37
C HIS B 224 0.06 -1.41 -8.34
N ALA B 225 0.44 -2.60 -8.83
CA ALA B 225 1.11 -3.60 -7.95
C ALA B 225 2.49 -3.11 -7.67
N ALA B 226 3.05 -3.56 -6.52
CA ALA B 226 4.41 -3.23 -6.20
C ALA B 226 5.34 -3.95 -7.22
N PRO B 227 6.41 -3.25 -7.64
CA PRO B 227 7.28 -3.88 -8.67
C PRO B 227 7.79 -5.20 -8.13
N ALA B 228 8.06 -6.17 -8.99
CA ALA B 228 8.43 -7.52 -8.58
C ALA B 228 9.84 -7.35 -7.94
N VAL B 229 10.06 -8.06 -6.86
CA VAL B 229 11.38 -8.19 -6.25
C VAL B 229 12.16 -9.38 -6.90
N PRO B 230 13.25 -9.06 -7.60
CA PRO B 230 14.01 -10.13 -8.29
C PRO B 230 14.61 -11.14 -7.27
N GLY B 231 14.68 -12.42 -7.66
CA GLY B 231 15.33 -13.46 -6.82
C GLY B 231 14.46 -13.91 -5.62
N SER B 232 13.19 -13.48 -5.60
CA SER B 232 12.28 -13.69 -4.41
C SER B 232 11.15 -14.71 -4.65
N GLY B 233 11.19 -15.42 -5.78
CA GLY B 233 10.06 -16.24 -6.19
C GLY B 233 9.79 -17.37 -5.23
N LYS B 234 8.52 -17.76 -5.12
CA LYS B 234 8.17 -18.91 -4.34
C LYS B 234 7.34 -19.94 -5.10
N ARG B 235 7.09 -19.73 -6.39
CA ARG B 235 6.43 -20.75 -7.18
C ARG B 235 7.21 -22.06 -7.20
N PRO B 236 6.56 -23.18 -6.87
CA PRO B 236 7.22 -24.50 -7.09
C PRO B 236 7.47 -24.76 -8.60
N PRO B 237 8.50 -25.57 -8.93
CA PRO B 237 8.77 -25.94 -10.34
C PRO B 237 7.53 -26.55 -10.94
N VAL B 238 7.30 -26.24 -12.20
CA VAL B 238 6.18 -26.83 -12.93
C VAL B 238 6.54 -28.30 -13.24
N HIS B 239 5.62 -29.24 -12.97
CA HIS B 239 5.94 -30.66 -13.20
C HIS B 239 4.64 -31.42 -13.32
N GLY B 240 4.72 -32.74 -13.52
CA GLY B 240 3.57 -33.59 -13.58
C GLY B 240 2.57 -33.17 -14.63
N SER B 241 1.28 -33.46 -14.39
CA SER B 241 0.25 -33.13 -15.37
C SER B 241 -0.32 -31.70 -15.02
N VAL B 242 -0.50 -30.91 -16.05
CA VAL B 242 -1.20 -29.63 -15.88
C VAL B 242 -2.35 -29.54 -16.82
N LEU B 243 -3.54 -29.12 -16.30
CA LEU B 243 -4.78 -29.05 -17.03
C LEU B 243 -4.92 -27.60 -17.49
N VAL B 244 -5.06 -27.36 -18.80
CA VAL B 244 -5.42 -26.09 -19.30
C VAL B 244 -6.76 -26.19 -20.02
N THR B 245 -7.86 -25.80 -19.32
CA THR B 245 -9.13 -25.71 -20.00
C THR B 245 -9.09 -24.54 -21.03
N GLY B 246 -9.82 -24.70 -22.14
CA GLY B 246 -9.62 -23.83 -23.33
C GLY B 246 -8.19 -23.83 -23.86
N GLY B 247 -7.54 -24.97 -23.63
CA GLY B 247 -6.14 -25.10 -23.93
C GLY B 247 -5.72 -25.16 -25.38
N THR B 248 -6.68 -25.45 -26.25
CA THR B 248 -6.45 -25.29 -27.73
C THR B 248 -6.71 -23.84 -28.16
N GLY B 249 -7.20 -22.97 -27.26
CA GLY B 249 -7.55 -21.59 -27.68
C GLY B 249 -6.32 -20.66 -27.64
N GLY B 250 -6.55 -19.34 -27.88
CA GLY B 250 -5.40 -18.42 -28.13
C GLY B 250 -4.46 -18.30 -26.94
N ILE B 251 -4.94 -17.82 -25.79
CA ILE B 251 -4.11 -17.67 -24.62
C ILE B 251 -3.72 -19.05 -24.09
N GLY B 252 -4.64 -20.00 -24.10
CA GLY B 252 -4.39 -21.35 -23.55
C GLY B 252 -3.24 -22.05 -24.24
N GLY B 253 -3.14 -21.95 -25.57
CA GLY B 253 -2.04 -22.62 -26.28
C GLY B 253 -0.72 -21.98 -25.94
N ARG B 254 -0.71 -20.67 -25.73
CA ARG B 254 0.57 -20.03 -25.37
C ARG B 254 0.99 -20.38 -23.94
N VAL B 255 0.00 -20.45 -23.07
CA VAL B 255 0.23 -20.87 -21.74
C VAL B 255 0.74 -22.30 -21.74
N ALA B 256 0.11 -23.19 -22.54
CA ALA B 256 0.57 -24.60 -22.61
C ALA B 256 2.04 -24.68 -23.04
N ARG B 257 2.41 -23.92 -24.07
CA ARG B 257 3.83 -23.95 -24.53
C ARG B 257 4.81 -23.55 -23.41
N ARG B 258 4.46 -22.51 -22.67
CA ARG B 258 5.35 -22.04 -21.65
C ARG B 258 5.42 -23.07 -20.50
N LEU B 259 4.31 -23.71 -20.16
CA LEU B 259 4.32 -24.79 -19.16
C LEU B 259 5.25 -25.96 -19.57
N ALA B 260 5.21 -26.32 -20.87
CA ALA B 260 6.12 -27.33 -21.43
C ALA B 260 7.58 -26.84 -21.22
N GLU B 261 7.87 -25.63 -21.60
CA GLU B 261 9.25 -25.16 -21.41
C GLU B 261 9.69 -25.14 -19.92
N GLN B 262 8.75 -24.88 -19.00
CA GLN B 262 9.07 -24.81 -17.60
C GLN B 262 9.16 -26.11 -16.87
N GLY B 263 8.79 -27.25 -17.49
CA GLY B 263 8.98 -28.48 -16.75
C GLY B 263 7.79 -29.46 -16.79
N ALA B 264 6.63 -28.94 -17.22
CA ALA B 264 5.45 -29.85 -17.22
C ALA B 264 5.82 -31.17 -17.91
N ALA B 265 5.38 -32.29 -17.31
CA ALA B 265 5.51 -33.59 -17.97
C ALA B 265 4.39 -33.94 -18.92
N HIS B 266 3.19 -33.39 -18.65
CA HIS B 266 2.07 -33.74 -19.43
C HIS B 266 1.14 -32.59 -19.46
N LEU B 267 0.75 -32.18 -20.66
CA LEU B 267 -0.28 -31.12 -20.81
C LEU B 267 -1.60 -31.67 -21.26
N VAL B 268 -2.63 -31.41 -20.47
CA VAL B 268 -3.97 -31.86 -20.75
C VAL B 268 -4.73 -30.66 -21.20
N LEU B 269 -5.05 -30.61 -22.46
CA LEU B 269 -5.68 -29.43 -23.03
C LEU B 269 -7.12 -29.76 -23.32
N THR B 270 -8.06 -28.94 -22.89
CA THR B 270 -9.46 -29.24 -23.24
C THR B 270 -10.10 -28.04 -23.96
N SER B 271 -11.18 -28.31 -24.64
CA SER B 271 -12.08 -27.31 -25.24
C SER B 271 -13.25 -28.10 -25.77
N ARG B 272 -14.35 -27.46 -26.14
CA ARG B 272 -15.52 -28.31 -26.60
C ARG B 272 -15.14 -29.00 -27.93
N ARG B 273 -14.26 -28.43 -28.73
CA ARG B 273 -13.89 -29.06 -30.06
C ARG B 273 -12.75 -30.08 -29.93
N GLY B 274 -11.96 -30.01 -28.86
CA GLY B 274 -10.83 -30.87 -28.64
C GLY B 274 -9.84 -30.90 -29.77
N ALA B 275 -9.61 -32.11 -30.25
CA ALA B 275 -8.66 -32.26 -31.36
C ALA B 275 -9.19 -31.67 -32.65
N ASP B 276 -10.46 -31.29 -32.69
CA ASP B 276 -10.99 -30.64 -33.93
C ASP B 276 -10.92 -29.13 -33.81
N ALA B 277 -10.26 -28.64 -32.76
CA ALA B 277 -10.14 -27.19 -32.59
C ALA B 277 -9.16 -26.65 -33.63
N PRO B 278 -9.40 -25.44 -34.13
CA PRO B 278 -8.42 -24.80 -35.02
C PRO B 278 -7.01 -24.79 -34.41
N GLY B 279 -6.02 -25.16 -35.22
CA GLY B 279 -4.63 -25.22 -34.83
C GLY B 279 -4.23 -26.38 -33.97
N ALA B 280 -5.17 -27.27 -33.56
CA ALA B 280 -4.83 -28.30 -32.57
C ALA B 280 -3.66 -29.21 -32.93
N ALA B 281 -3.55 -29.53 -34.24
CA ALA B 281 -2.56 -30.53 -34.66
C ALA B 281 -1.19 -29.91 -34.50
N GLU B 282 -1.08 -28.69 -34.98
CA GLU B 282 0.15 -27.90 -34.89
C GLU B 282 0.57 -27.69 -33.40
N LEU B 283 -0.40 -27.31 -32.55
CA LEU B 283 -0.12 -27.18 -31.13
C LEU B 283 0.40 -28.48 -30.53
N ARG B 284 -0.25 -29.63 -30.81
CA ARG B 284 0.15 -30.91 -30.26
C ARG B 284 1.60 -31.19 -30.64
N ALA B 285 1.92 -30.95 -31.89
CA ALA B 285 3.23 -31.33 -32.41
C ALA B 285 4.30 -30.40 -31.82
N GLU B 286 3.99 -29.12 -31.71
CA GLU B 286 4.89 -28.17 -30.99
C GLU B 286 5.21 -28.61 -29.55
N LEU B 287 4.20 -28.96 -28.82
CA LEU B 287 4.39 -29.48 -27.47
C LEU B 287 5.16 -30.79 -27.35
N GLU B 288 4.86 -31.71 -28.27
CA GLU B 288 5.60 -32.98 -28.25
C GLU B 288 7.10 -32.77 -28.56
N GLN B 289 7.41 -31.77 -29.36
CA GLN B 289 8.80 -31.40 -29.68
C GLN B 289 9.53 -30.94 -28.42
N LEU B 290 8.83 -30.20 -27.54
CA LEU B 290 9.36 -29.87 -26.18
C LEU B 290 9.52 -31.08 -25.17
N GLY B 291 9.14 -32.31 -25.58
CA GLY B 291 9.41 -33.46 -24.74
C GLY B 291 8.23 -33.79 -23.85
N VAL B 292 7.07 -33.18 -24.09
CA VAL B 292 5.95 -33.33 -23.17
C VAL B 292 4.90 -34.32 -23.74
N ARG B 293 4.27 -35.11 -22.88
CA ARG B 293 3.08 -35.88 -23.24
C ARG B 293 1.92 -34.90 -23.49
N VAL B 294 1.15 -35.10 -24.55
CA VAL B 294 -0.04 -34.24 -24.85
C VAL B 294 -1.33 -35.02 -24.87
N THR B 295 -2.32 -34.53 -24.11
CA THR B 295 -3.67 -35.03 -24.21
C THR B 295 -4.57 -33.90 -24.67
N ILE B 296 -5.29 -34.05 -25.77
CA ILE B 296 -6.30 -33.07 -26.21
C ILE B 296 -7.68 -33.72 -26.08
N ALA B 297 -8.55 -33.24 -25.20
CA ALA B 297 -9.83 -33.83 -24.98
C ALA B 297 -10.93 -32.85 -25.35
N ALA B 298 -11.93 -33.34 -26.05
CA ALA B 298 -13.13 -32.61 -26.32
C ALA B 298 -14.10 -32.79 -25.17
N CYS B 299 -14.33 -31.71 -24.43
CA CYS B 299 -15.42 -31.76 -23.51
C CYS B 299 -15.71 -30.38 -23.00
N ASP B 300 -16.94 -30.24 -22.63
CA ASP B 300 -17.42 -29.00 -22.08
C ASP B 300 -16.88 -28.88 -20.68
N ALA B 301 -16.34 -27.70 -20.34
CA ALA B 301 -15.76 -27.55 -18.99
C ALA B 301 -16.85 -27.54 -17.92
N ALA B 302 -18.08 -27.31 -18.31
CA ALA B 302 -19.23 -27.39 -17.40
C ALA B 302 -19.72 -28.82 -17.20
N ASP B 303 -19.07 -29.82 -17.85
CA ASP B 303 -19.56 -31.22 -17.73
C ASP B 303 -18.70 -31.89 -16.61
N ARG B 304 -19.26 -32.01 -15.44
CA ARG B 304 -18.55 -32.59 -14.29
C ARG B 304 -18.03 -34.03 -14.50
N GLU B 305 -18.88 -34.89 -15.02
CA GLU B 305 -18.50 -36.30 -15.25
C GLU B 305 -17.34 -36.39 -16.20
N ALA B 306 -17.35 -35.60 -17.28
CA ALA B 306 -16.19 -35.67 -18.24
C ALA B 306 -14.90 -35.17 -17.60
N LEU B 307 -15.04 -34.11 -16.79
CA LEU B 307 -13.85 -33.61 -16.14
C LEU B 307 -13.29 -34.74 -15.22
N ALA B 308 -14.19 -35.34 -14.44
CA ALA B 308 -13.79 -36.37 -13.49
C ALA B 308 -13.10 -37.56 -14.22
N ALA B 309 -13.61 -37.91 -15.40
CA ALA B 309 -13.08 -38.99 -16.24
C ALA B 309 -11.62 -38.64 -16.70
N LEU B 310 -11.43 -37.38 -17.12
CA LEU B 310 -10.07 -36.95 -17.45
C LEU B 310 -9.12 -37.05 -16.28
N LEU B 311 -9.54 -36.60 -15.09
CA LEU B 311 -8.74 -36.67 -13.89
C LEU B 311 -8.42 -38.05 -13.38
N ALA B 312 -9.24 -39.01 -13.73
CA ALA B 312 -9.12 -40.37 -13.24
C ALA B 312 -8.11 -41.19 -13.99
N GLU B 313 -7.68 -40.69 -15.11
CA GLU B 313 -6.85 -41.51 -16.02
C GLU B 313 -5.49 -40.90 -16.26
N LEU B 314 -5.06 -40.01 -15.36
CA LEU B 314 -3.73 -39.39 -15.48
C LEU B 314 -2.63 -40.40 -15.18
N PRO B 315 -1.41 -40.19 -15.74
CA PRO B 315 -0.37 -41.22 -15.59
C PRO B 315 0.02 -41.31 -14.16
N GLU B 316 0.40 -42.53 -13.77
CA GLU B 316 0.86 -42.83 -12.43
C GLU B 316 1.97 -41.84 -11.98
N ASP B 317 2.89 -41.60 -12.91
CA ASP B 317 4.06 -40.78 -12.64
C ASP B 317 3.86 -39.29 -12.89
N ALA B 318 2.61 -38.90 -13.17
CA ALA B 318 2.30 -37.49 -13.53
C ALA B 318 0.94 -37.08 -12.96
N PRO B 319 0.81 -37.07 -11.63
CA PRO B 319 -0.41 -36.57 -11.09
C PRO B 319 -0.64 -35.08 -11.44
N LEU B 320 -1.87 -34.66 -11.31
CA LEU B 320 -2.23 -33.25 -11.48
C LEU B 320 -1.53 -32.37 -10.49
N THR B 321 -0.88 -31.34 -10.99
CA THR B 321 -0.25 -30.32 -10.13
C THR B 321 -0.77 -28.91 -10.24
N ALA B 322 -1.46 -28.63 -11.36
CA ALA B 322 -1.95 -27.22 -11.58
C ALA B 322 -3.09 -27.24 -12.56
N VAL B 323 -3.99 -26.31 -12.34
CA VAL B 323 -5.05 -25.98 -13.30
C VAL B 323 -4.92 -24.56 -13.78
N PHE B 324 -5.07 -24.37 -15.08
CA PHE B 324 -5.21 -23.04 -15.67
C PHE B 324 -6.52 -23.00 -16.41
N HIS B 325 -7.46 -22.20 -15.96
CA HIS B 325 -8.81 -22.21 -16.52
C HIS B 325 -8.98 -21.08 -17.54
N SER B 326 -8.73 -21.44 -18.78
CA SER B 326 -8.82 -20.47 -19.85
C SER B 326 -10.11 -20.66 -20.67
N ALA B 327 -10.96 -21.64 -20.37
CA ALA B 327 -12.22 -21.86 -21.10
C ALA B 327 -13.12 -20.61 -20.96
N GLY B 328 -13.69 -20.17 -22.06
CA GLY B 328 -14.68 -19.08 -21.99
C GLY B 328 -15.01 -18.51 -23.32
N VAL B 329 -16.10 -17.77 -23.32
CA VAL B 329 -16.59 -17.09 -24.53
C VAL B 329 -17.04 -15.68 -24.00
N ALA B 330 -17.05 -14.72 -24.92
CA ALA B 330 -17.52 -13.38 -24.62
C ALA B 330 -18.61 -12.95 -25.54
N HIS B 331 -18.90 -13.77 -26.56
CA HIS B 331 -19.88 -13.32 -27.58
C HIS B 331 -21.31 -13.58 -27.15
N ASP B 332 -22.27 -12.93 -27.82
CA ASP B 332 -23.69 -13.05 -27.53
C ASP B 332 -24.00 -12.55 -26.10
N ASP B 333 -23.32 -11.49 -25.72
CA ASP B 333 -23.72 -10.65 -24.59
C ASP B 333 -24.64 -9.57 -25.13
N ALA B 334 -25.11 -8.69 -24.25
CA ALA B 334 -26.04 -7.61 -24.64
C ALA B 334 -26.08 -6.56 -23.53
N PRO B 335 -26.48 -5.31 -23.87
CA PRO B 335 -26.71 -4.32 -22.82
C PRO B 335 -27.59 -4.89 -21.73
N VAL B 336 -27.46 -4.35 -20.51
CA VAL B 336 -28.34 -4.69 -19.39
C VAL B 336 -29.81 -4.68 -19.73
N ALA B 337 -30.22 -3.67 -20.54
CA ALA B 337 -31.61 -3.50 -20.77
C ALA B 337 -32.15 -4.59 -21.65
N ASP B 338 -31.29 -5.35 -22.36
CA ASP B 338 -31.74 -6.33 -23.36
C ASP B 338 -31.33 -7.77 -23.06
N LEU B 339 -30.28 -7.96 -22.27
CA LEU B 339 -29.77 -9.33 -22.01
C LEU B 339 -30.88 -10.34 -21.59
N THR B 340 -30.91 -11.52 -22.19
CA THR B 340 -31.85 -12.52 -21.68
C THR B 340 -31.19 -13.48 -20.73
N LEU B 341 -32.03 -14.20 -20.01
CA LEU B 341 -31.49 -15.22 -19.15
C LEU B 341 -30.79 -16.35 -19.93
N GLY B 342 -31.26 -16.72 -21.11
CA GLY B 342 -30.54 -17.67 -21.90
C GLY B 342 -29.15 -17.18 -22.32
N GLN B 343 -29.07 -15.90 -22.72
CA GLN B 343 -27.75 -15.35 -23.05
C GLN B 343 -26.88 -15.37 -21.80
N LEU B 344 -27.40 -14.90 -20.65
CA LEU B 344 -26.63 -14.96 -19.40
C LEU B 344 -26.13 -16.37 -19.04
N ASP B 345 -27.03 -17.33 -19.22
CA ASP B 345 -26.65 -18.73 -18.90
C ASP B 345 -25.44 -19.14 -19.74
N ALA B 346 -25.48 -18.87 -21.05
CA ALA B 346 -24.41 -19.34 -21.87
C ALA B 346 -23.09 -18.66 -21.56
N LEU B 347 -23.11 -17.43 -21.05
CA LEU B 347 -21.86 -16.72 -20.66
C LEU B 347 -21.35 -17.20 -19.33
N MET B 348 -22.25 -17.62 -18.46
CA MET B 348 -21.88 -18.17 -17.14
C MET B 348 -21.33 -19.56 -17.20
N ARG B 349 -21.78 -20.38 -18.18
CA ARG B 349 -21.49 -21.83 -18.11
C ARG B 349 -20.01 -22.16 -17.98
N ALA B 350 -19.13 -21.64 -18.81
CA ALA B 350 -17.72 -22.01 -18.77
C ALA B 350 -16.96 -21.35 -17.67
N LYS B 351 -17.62 -20.48 -16.92
CA LYS B 351 -16.96 -19.66 -15.89
C LYS B 351 -17.48 -20.16 -14.58
N LEU B 352 -18.72 -19.82 -14.19
CA LEU B 352 -19.21 -20.29 -12.90
C LEU B 352 -19.27 -21.84 -12.77
N THR B 353 -20.05 -22.52 -13.64
CA THR B 353 -20.22 -23.96 -13.56
C THR B 353 -18.90 -24.70 -13.70
N ALA B 354 -18.11 -24.32 -14.68
CA ALA B 354 -16.88 -25.06 -14.91
C ALA B 354 -15.95 -24.85 -13.71
N ALA B 355 -15.72 -23.57 -13.27
CA ALA B 355 -14.78 -23.32 -12.17
C ALA B 355 -15.25 -23.96 -10.89
N ARG B 356 -16.57 -24.01 -10.61
CA ARG B 356 -17.06 -24.69 -9.44
C ARG B 356 -16.70 -26.19 -9.55
N HIS B 357 -16.86 -26.79 -10.72
CA HIS B 357 -16.47 -28.20 -10.79
C HIS B 357 -14.98 -28.37 -10.60
N LEU B 358 -14.18 -27.53 -11.20
CA LEU B 358 -12.79 -27.66 -11.02
C LEU B 358 -12.36 -27.44 -9.61
N HIS B 359 -12.96 -26.48 -8.94
CA HIS B 359 -12.69 -26.36 -7.50
C HIS B 359 -13.05 -27.62 -6.72
N GLU B 360 -14.24 -28.16 -6.92
CA GLU B 360 -14.73 -29.27 -6.13
C GLU B 360 -13.91 -30.53 -6.40
N LEU B 361 -13.53 -30.75 -7.64
CA LEU B 361 -12.73 -31.96 -8.00
C LEU B 361 -11.25 -31.89 -7.67
N THR B 362 -10.75 -30.69 -7.32
CA THR B 362 -9.33 -30.55 -6.96
C THR B 362 -9.11 -30.15 -5.53
N ALA B 363 -10.18 -29.91 -4.75
CA ALA B 363 -10.06 -29.37 -3.34
C ALA B 363 -9.13 -30.29 -2.52
N ASP B 364 -9.13 -31.58 -2.82
CA ASP B 364 -8.34 -32.56 -1.99
C ASP B 364 -6.95 -32.89 -2.53
N LEU B 365 -6.59 -32.30 -3.67
CA LEU B 365 -5.35 -32.68 -4.34
C LEU B 365 -4.10 -31.86 -4.07
N ASP B 366 -4.17 -30.85 -3.20
CA ASP B 366 -2.91 -30.13 -2.85
C ASP B 366 -2.12 -29.57 -4.09
N LEU B 367 -2.86 -28.92 -4.95
CA LEU B 367 -2.31 -28.35 -6.17
C LEU B 367 -1.28 -27.24 -5.90
N ASP B 368 -0.30 -27.04 -6.78
CA ASP B 368 0.60 -25.94 -6.68
C ASP B 368 -0.01 -24.64 -7.24
N ALA B 369 -0.95 -24.73 -8.20
CA ALA B 369 -1.55 -23.52 -8.79
C ALA B 369 -2.98 -23.87 -9.20
N PHE B 370 -3.89 -22.91 -8.96
CA PHE B 370 -5.28 -23.02 -9.49
C PHE B 370 -5.54 -21.65 -10.00
N VAL B 371 -5.40 -21.45 -11.31
CA VAL B 371 -5.37 -20.15 -11.95
C VAL B 371 -6.54 -19.94 -12.85
N LEU B 372 -7.26 -18.85 -12.57
CA LEU B 372 -8.52 -18.62 -13.27
C LEU B 372 -8.40 -17.37 -14.07
N PHE B 373 -8.72 -17.42 -15.35
CA PHE B 373 -8.62 -16.25 -16.21
C PHE B 373 -9.90 -15.43 -16.32
N SER B 374 -9.82 -14.29 -15.65
CA SER B 374 -10.94 -13.35 -15.57
C SER B 374 -10.62 -12.29 -16.60
N SER B 375 -11.19 -11.10 -16.42
CA SER B 375 -11.15 -10.06 -17.46
C SER B 375 -11.26 -8.71 -16.75
N GLY B 376 -10.69 -7.67 -17.38
CA GLY B 376 -10.96 -6.33 -16.96
C GLY B 376 -12.42 -5.96 -17.03
N ALA B 377 -13.24 -6.66 -17.81
CA ALA B 377 -14.69 -6.40 -17.77
C ALA B 377 -15.25 -6.62 -16.39
N ALA B 378 -14.71 -7.57 -15.68
CA ALA B 378 -15.13 -7.89 -14.30
C ALA B 378 -14.54 -6.91 -13.29
N VAL B 379 -13.27 -6.55 -13.42
CA VAL B 379 -12.62 -5.74 -12.47
C VAL B 379 -13.14 -4.26 -12.55
N PHE B 380 -13.23 -3.72 -13.81
CA PHE B 380 -13.70 -2.37 -14.03
C PHE B 380 -15.20 -2.25 -14.32
N GLY B 381 -15.80 -3.27 -14.92
CA GLY B 381 -17.09 -3.06 -15.64
C GLY B 381 -16.69 -2.62 -17.06
N SER B 382 -17.52 -3.02 -18.02
CA SER B 382 -17.43 -2.66 -19.43
C SER B 382 -18.86 -2.65 -20.00
N GLY B 383 -19.14 -1.47 -20.60
CA GLY B 383 -20.50 -1.24 -21.21
C GLY B 383 -20.71 -2.29 -22.31
N GLY B 384 -21.91 -2.89 -22.34
CA GLY B 384 -22.22 -3.95 -23.29
C GLY B 384 -21.86 -5.34 -22.85
N GLN B 385 -21.20 -5.46 -21.69
CA GLN B 385 -20.70 -6.78 -21.27
C GLN B 385 -21.18 -7.21 -19.86
N PRO B 386 -22.50 -7.07 -19.58
CA PRO B 386 -22.93 -7.45 -18.22
C PRO B 386 -22.73 -8.93 -17.99
N GLY B 387 -23.04 -9.82 -18.97
CA GLY B 387 -22.97 -11.24 -18.69
C GLY B 387 -21.55 -11.71 -18.47
N TYR B 388 -20.67 -11.23 -19.36
CA TYR B 388 -19.26 -11.59 -19.25
C TYR B 388 -18.65 -10.95 -18.03
N ALA B 389 -19.07 -9.77 -17.60
CA ALA B 389 -18.55 -9.21 -16.32
C ALA B 389 -18.96 -10.06 -15.15
N ALA B 390 -20.26 -10.49 -15.10
CA ALA B 390 -20.71 -11.25 -13.98
C ALA B 390 -19.93 -12.58 -13.93
N ALA B 391 -19.83 -13.25 -15.09
CA ALA B 391 -19.13 -14.55 -15.17
C ALA B 391 -17.70 -14.45 -14.66
N ASN B 392 -17.02 -13.41 -15.08
CA ASN B 392 -15.60 -13.32 -14.66
C ASN B 392 -15.44 -12.86 -13.23
N ALA B 393 -16.41 -12.06 -12.71
CA ALA B 393 -16.36 -11.68 -11.34
C ALA B 393 -16.51 -12.86 -10.44
N TYR B 394 -17.28 -13.88 -10.89
CA TYR B 394 -17.35 -15.11 -10.05
C TYR B 394 -15.95 -15.71 -9.91
N LEU B 395 -15.20 -15.73 -11.00
CA LEU B 395 -13.82 -16.27 -10.90
C LEU B 395 -12.96 -15.57 -9.88
N ASP B 396 -12.97 -14.26 -9.93
CA ASP B 396 -12.13 -13.49 -9.01
C ASP B 396 -12.56 -13.81 -7.56
N ALA B 397 -13.86 -13.91 -7.35
CA ALA B 397 -14.36 -14.19 -5.97
C ALA B 397 -14.07 -15.62 -5.55
N LEU B 398 -14.18 -16.57 -6.49
CA LEU B 398 -13.82 -17.97 -6.15
C LEU B 398 -12.37 -18.09 -5.71
N ALA B 399 -11.44 -17.35 -6.36
CA ALA B 399 -10.03 -17.44 -5.94
C ALA B 399 -9.83 -16.94 -4.49
N GLU B 400 -10.48 -15.85 -4.09
CA GLU B 400 -10.39 -15.39 -2.71
C GLU B 400 -11.03 -16.37 -1.75
N HIS B 401 -12.19 -16.94 -2.16
CA HIS B 401 -12.84 -17.90 -1.35
C HIS B 401 -11.94 -19.14 -1.09
N ARG B 402 -11.34 -19.64 -2.16
CA ARG B 402 -10.43 -20.80 -2.03
C ARG B 402 -9.31 -20.49 -1.11
N ARG B 403 -8.73 -19.30 -1.13
CA ARG B 403 -7.64 -18.95 -0.21
C ARG B 403 -8.15 -19.03 1.28
N SER B 404 -9.43 -18.68 1.49
CA SER B 404 -10.00 -18.75 2.88
C SER B 404 -10.09 -20.20 3.37
N LEU B 405 -10.10 -21.15 2.43
CA LEU B 405 -10.14 -22.59 2.75
C LEU B 405 -8.78 -23.15 2.93
N GLY B 406 -7.76 -22.32 2.79
CA GLY B 406 -6.36 -22.72 2.84
C GLY B 406 -5.81 -23.39 1.56
N LEU B 407 -6.50 -23.16 0.44
CA LEU B 407 -6.15 -23.77 -0.85
C LEU B 407 -5.57 -22.70 -1.76
N THR B 408 -4.69 -23.09 -2.64
CA THR B 408 -4.01 -22.13 -3.53
C THR B 408 -5.04 -21.74 -4.60
N ALA B 409 -4.96 -20.49 -4.94
CA ALA B 409 -5.75 -19.96 -6.04
C ALA B 409 -5.38 -18.63 -6.49
N SER B 410 -5.57 -18.38 -7.75
CA SER B 410 -5.08 -17.06 -8.35
C SER B 410 -6.25 -16.69 -9.28
N SER B 411 -6.56 -15.43 -9.45
CA SER B 411 -7.32 -15.01 -10.59
C SER B 411 -6.65 -13.86 -11.27
N VAL B 412 -6.53 -13.94 -12.59
CA VAL B 412 -5.85 -12.90 -13.38
C VAL B 412 -6.83 -12.25 -14.31
N ALA B 413 -7.11 -10.97 -14.08
CA ALA B 413 -8.04 -10.21 -14.92
C ALA B 413 -7.34 -9.59 -16.14
N TRP B 414 -7.32 -10.32 -17.22
CA TRP B 414 -6.58 -9.83 -18.37
C TRP B 414 -7.24 -8.57 -19.01
N GLY B 415 -6.41 -7.68 -19.51
CA GLY B 415 -6.87 -6.67 -20.42
C GLY B 415 -6.83 -7.32 -21.81
N THR B 416 -6.68 -6.54 -22.85
CA THR B 416 -6.70 -7.01 -24.27
C THR B 416 -5.41 -7.67 -24.67
N TRP B 417 -5.48 -8.89 -25.22
CA TRP B 417 -4.29 -9.52 -25.77
C TRP B 417 -4.16 -9.20 -27.23
N GLY B 418 -2.93 -8.93 -27.64
CA GLY B 418 -2.63 -8.87 -29.05
C GLY B 418 -2.37 -10.29 -29.54
N GLU B 419 -2.40 -10.39 -30.86
CA GLU B 419 -1.88 -11.55 -31.61
C GLU B 419 -2.68 -12.85 -31.60
N VAL B 420 -3.15 -13.30 -30.44
CA VAL B 420 -3.89 -14.57 -30.31
C VAL B 420 -5.12 -14.21 -29.53
N GLY B 421 -6.19 -15.00 -29.70
CA GLY B 421 -7.32 -14.91 -28.78
C GLY B 421 -8.49 -14.10 -29.27
N MET B 422 -9.43 -13.90 -28.33
CA MET B 422 -10.76 -13.35 -28.63
C MET B 422 -10.77 -11.86 -28.95
N ALA B 423 -9.68 -11.14 -28.65
CA ALA B 423 -9.69 -9.67 -28.82
C ALA B 423 -9.04 -9.18 -30.14
N THR B 424 -8.57 -10.13 -30.98
CA THR B 424 -7.84 -9.85 -32.23
C THR B 424 -8.75 -9.66 -33.45
N ASP B 425 -10.04 -9.37 -33.24
CA ASP B 425 -10.92 -8.98 -34.33
C ASP B 425 -10.73 -7.47 -34.49
N PRO B 426 -10.55 -6.99 -35.76
CA PRO B 426 -10.55 -5.52 -36.01
C PRO B 426 -11.62 -4.75 -35.22
N GLU B 427 -12.90 -5.05 -35.47
CA GLU B 427 -14.03 -4.42 -34.75
C GLU B 427 -14.00 -4.52 -33.20
N VAL B 428 -14.07 -5.76 -32.65
CA VAL B 428 -14.04 -6.02 -31.18
C VAL B 428 -12.86 -5.33 -30.45
N HIS B 429 -11.72 -5.28 -31.16
CA HIS B 429 -10.41 -4.73 -30.76
C HIS B 429 -10.41 -3.18 -30.75
N ASP B 430 -11.41 -2.57 -31.42
CA ASP B 430 -11.37 -1.12 -31.71
C ASP B 430 -12.03 -0.19 -30.70
N ARG B 431 -13.18 -0.59 -30.15
CA ARG B 431 -13.86 0.16 -29.07
C ARG B 431 -13.00 0.20 -27.79
N LEU B 432 -12.45 -0.95 -27.43
CA LEU B 432 -11.50 -1.11 -26.33
C LEU B 432 -10.27 -0.19 -26.48
N VAL B 433 -9.53 -0.33 -27.59
CA VAL B 433 -8.36 0.53 -27.88
C VAL B 433 -8.65 2.04 -27.90
N ARG B 434 -9.76 2.42 -28.55
CA ARG B 434 -10.24 3.78 -28.57
C ARG B 434 -10.43 4.34 -27.12
N GLN B 435 -10.69 3.42 -26.20
CA GLN B 435 -10.94 3.74 -24.80
C GLN B 435 -9.68 3.61 -23.97
N GLY B 436 -8.59 3.25 -24.61
CA GLY B 436 -7.28 3.20 -23.98
C GLY B 436 -6.93 1.87 -23.33
N VAL B 437 -7.69 0.81 -23.64
CA VAL B 437 -7.31 -0.54 -23.21
C VAL B 437 -6.56 -1.16 -24.38
N LEU B 438 -5.22 -1.16 -24.26
CA LEU B 438 -4.32 -1.48 -25.39
C LEU B 438 -3.96 -2.93 -25.46
N ALA B 439 -3.59 -3.39 -26.67
CA ALA B 439 -3.29 -4.80 -26.83
C ALA B 439 -1.90 -5.09 -26.21
N MET B 440 -1.84 -6.12 -25.37
CA MET B 440 -0.60 -6.54 -24.78
C MET B 440 0.16 -7.48 -25.74
N GLU B 441 1.48 -7.39 -25.71
CA GLU B 441 2.34 -8.42 -26.28
C GLU B 441 2.23 -9.73 -25.45
N PRO B 442 1.93 -10.88 -26.07
CA PRO B 442 1.84 -12.13 -25.31
C PRO B 442 2.97 -12.37 -24.36
N GLU B 443 4.19 -12.07 -24.80
CA GLU B 443 5.31 -12.37 -23.92
C GLU B 443 5.30 -11.50 -22.66
N HIS B 444 4.85 -10.25 -22.78
CA HIS B 444 4.78 -9.39 -21.58
C HIS B 444 3.65 -9.83 -20.69
N ALA B 445 2.49 -10.19 -21.31
CA ALA B 445 1.36 -10.62 -20.45
C ALA B 445 1.71 -11.92 -19.68
N LEU B 446 2.33 -12.86 -20.38
CA LEU B 446 2.72 -14.12 -19.75
C LEU B 446 3.82 -13.96 -18.71
N GLY B 447 4.75 -13.05 -18.95
CA GLY B 447 5.76 -12.85 -17.94
C GLY B 447 5.22 -12.13 -16.71
N ALA B 448 4.21 -11.26 -16.90
CA ALA B 448 3.63 -10.57 -15.73
C ALA B 448 2.85 -11.67 -14.95
N LEU B 449 2.22 -12.61 -15.65
CA LEU B 449 1.53 -13.70 -14.93
C LEU B 449 2.54 -14.54 -14.16
N ASP B 450 3.70 -14.81 -14.76
CA ASP B 450 4.72 -15.53 -13.97
C ASP B 450 5.20 -14.72 -12.74
N GLN B 451 5.31 -13.39 -12.85
CA GLN B 451 5.60 -12.55 -11.66
C GLN B 451 4.51 -12.73 -10.61
N MET B 452 3.25 -12.72 -11.02
CA MET B 452 2.16 -12.91 -10.08
C MET B 452 2.29 -14.27 -9.37
N LEU B 453 2.58 -15.31 -10.14
CA LEU B 453 2.71 -16.68 -9.56
C LEU B 453 3.94 -16.85 -8.65
N GLU B 454 4.99 -16.11 -8.99
CA GLU B 454 6.22 -16.14 -8.19
C GLU B 454 5.95 -15.37 -6.90
N ASN B 455 5.06 -14.38 -6.89
CA ASN B 455 4.64 -13.74 -5.59
C ASN B 455 3.56 -14.53 -4.85
N ASP B 456 2.90 -15.50 -5.56
CA ASP B 456 1.74 -16.19 -5.03
C ASP B 456 0.63 -15.20 -4.64
N ASP B 457 0.41 -14.23 -5.53
CA ASP B 457 -0.66 -13.26 -5.32
C ASP B 457 -2.01 -13.99 -5.62
N THR B 458 -3.05 -13.62 -4.87
CA THR B 458 -4.36 -14.15 -5.12
C THR B 458 -5.01 -13.55 -6.32
N ALA B 459 -4.95 -12.22 -6.53
CA ALA B 459 -5.71 -11.56 -7.58
C ALA B 459 -4.96 -10.45 -8.18
N ALA B 460 -5.06 -10.23 -9.48
CA ALA B 460 -4.40 -9.15 -10.14
C ALA B 460 -5.11 -8.85 -11.38
N ALA B 461 -5.00 -7.64 -11.88
CA ALA B 461 -5.37 -7.30 -13.28
C ALA B 461 -4.10 -7.06 -14.03
N ILE B 462 -4.02 -7.65 -15.21
CA ILE B 462 -2.80 -7.52 -16.00
C ILE B 462 -3.21 -6.94 -17.35
N THR B 463 -2.90 -5.68 -17.53
CA THR B 463 -3.50 -4.90 -18.62
C THR B 463 -2.55 -3.75 -18.96
N LEU B 464 -2.51 -3.44 -20.28
CA LEU B 464 -1.79 -2.27 -20.73
C LEU B 464 -2.78 -1.14 -20.98
N MET B 465 -2.71 -0.07 -20.21
CA MET B 465 -3.67 1.00 -20.24
C MET B 465 -3.05 2.27 -20.74
N ASP B 466 -3.83 3.06 -21.50
CA ASP B 466 -3.52 4.48 -21.63
C ASP B 466 -4.53 5.22 -20.78
N TRP B 467 -4.11 5.69 -19.61
CA TRP B 467 -5.02 6.28 -18.67
C TRP B 467 -5.50 7.65 -19.17
N GLU B 468 -4.67 8.32 -19.97
CA GLU B 468 -5.08 9.61 -20.47
C GLU B 468 -6.32 9.43 -21.33
N MET B 469 -6.42 8.32 -22.06
CA MET B 469 -7.62 8.01 -22.80
C MET B 469 -8.73 7.43 -21.90
N PHE B 470 -8.35 6.47 -21.08
CA PHE B 470 -9.34 5.72 -20.35
C PHE B 470 -10.06 6.49 -19.27
N ALA B 471 -9.34 7.18 -18.40
CA ALA B 471 -10.01 7.81 -17.25
C ALA B 471 -11.08 8.80 -17.69
N PRO B 472 -10.88 9.70 -18.65
CA PRO B 472 -11.99 10.63 -18.95
C PRO B 472 -13.17 9.91 -19.62
N ALA B 473 -12.90 8.93 -20.49
CA ALA B 473 -14.02 8.15 -21.06
C ALA B 473 -14.83 7.38 -20.01
N PHE B 474 -14.14 6.78 -19.06
CA PHE B 474 -14.77 5.92 -18.16
C PHE B 474 -15.62 6.70 -17.16
N THR B 475 -15.25 7.93 -16.92
CA THR B 475 -15.89 8.82 -15.92
C THR B 475 -16.77 9.93 -16.55
N ALA B 476 -17.05 9.80 -17.83
CA ALA B 476 -17.76 10.92 -18.48
C ALA B 476 -19.12 11.16 -17.83
N ASN B 477 -19.81 10.10 -17.51
CA ASN B 477 -21.17 10.29 -16.92
C ASN B 477 -21.29 10.23 -15.44
N ARG B 478 -20.22 9.77 -14.81
CA ARG B 478 -20.26 9.45 -13.47
C ARG B 478 -18.82 9.34 -12.89
N PRO B 479 -18.57 9.84 -11.68
CA PRO B 479 -17.21 9.66 -11.25
C PRO B 479 -16.87 8.21 -10.79
N SER B 480 -15.58 7.88 -10.75
CA SER B 480 -15.10 6.53 -10.37
C SER B 480 -14.12 6.67 -9.20
N ALA B 481 -14.59 6.48 -7.97
CA ALA B 481 -13.68 6.46 -6.84
C ALA B 481 -12.65 5.31 -6.97
N LEU B 482 -13.04 4.27 -7.67
CA LEU B 482 -12.14 3.12 -7.98
C LEU B 482 -10.77 3.59 -8.47
N LEU B 483 -10.77 4.63 -9.32
CA LEU B 483 -9.50 5.03 -9.98
C LEU B 483 -8.78 6.14 -9.24
N SER B 484 -9.26 6.56 -8.07
CA SER B 484 -8.61 7.63 -7.35
C SER B 484 -7.20 7.25 -6.87
N THR B 485 -6.93 5.94 -6.83
CA THR B 485 -5.65 5.48 -6.40
C THR B 485 -4.64 5.20 -7.48
N VAL B 486 -5.04 5.45 -8.71
CA VAL B 486 -4.10 5.39 -9.83
C VAL B 486 -3.71 6.82 -10.20
N PRO B 487 -2.43 7.14 -9.97
CA PRO B 487 -2.07 8.57 -10.15
C PRO B 487 -2.19 9.03 -11.60
N GLU B 488 -2.08 8.14 -12.60
CA GLU B 488 -2.21 8.58 -14.01
C GLU B 488 -3.66 8.95 -14.31
N ALA B 489 -4.56 8.27 -13.62
CA ALA B 489 -6.00 8.53 -13.84
C ALA B 489 -6.38 9.85 -13.16
N VAL B 490 -5.92 10.04 -11.94
CA VAL B 490 -6.06 11.34 -11.28
C VAL B 490 -5.53 12.50 -12.13
N SER B 491 -4.35 12.32 -12.69
CA SER B 491 -3.75 13.41 -13.46
C SER B 491 -4.54 13.66 -14.76
N ALA B 492 -5.05 12.60 -15.39
CA ALA B 492 -5.89 12.71 -16.61
C ALA B 492 -7.16 13.51 -16.32
N LEU B 493 -7.71 13.36 -15.12
CA LEU B 493 -8.93 14.05 -14.79
C LEU B 493 -8.59 15.47 -14.39
PA NDP C . 12.15 29.00 12.11
O1A NDP C . 11.10 29.96 11.61
O2A NDP C . 13.61 29.43 11.95
O5B NDP C . 11.80 28.59 13.61
C5B NDP C . 12.69 27.75 14.26
C4B NDP C . 12.80 28.27 15.66
O4B NDP C . 13.15 27.36 16.67
C3B NDP C . 12.59 29.70 16.09
O3B NDP C . 11.47 30.03 16.98
C2B NDP C . 13.87 29.55 16.93
O2B NDP C . 13.92 30.67 17.82
C1B NDP C . 13.70 28.20 17.67
N9A NDP C . 14.94 27.58 18.13
C8A NDP C . 16.11 27.32 17.49
N7A NDP C . 16.98 26.70 18.34
C5A NDP C . 16.37 26.60 19.52
C6A NDP C . 16.69 26.05 20.79
N6A NDP C . 17.93 25.53 21.04
N1A NDP C . 15.76 26.17 21.76
C2A NDP C . 14.54 26.71 21.57
N3A NDP C . 14.19 27.22 20.40
C4A NDP C . 15.10 27.13 19.38
O3 NDP C . 11.91 27.59 11.28
PN NDP C . 10.54 26.87 10.88
O1N NDP C . 10.52 26.87 9.37
O2N NDP C . 9.37 27.33 11.65
O5D NDP C . 10.90 25.37 11.39
C5D NDP C . 10.28 24.87 12.57
C4D NDP C . 10.64 23.40 12.57
O4D NDP C . 10.19 22.66 11.41
C3D NDP C . 12.17 23.24 12.64
O3D NDP C . 12.46 22.24 13.63
C2D NDP C . 12.57 22.70 11.31
O2D NDP C . 13.76 21.87 11.38
C1D NDP C . 11.31 21.94 10.80
N1N NDP C . 11.22 21.96 9.29
C2N NDP C . 10.83 23.07 8.60
C3N NDP C . 10.73 23.14 7.21
C7N NDP C . 10.31 24.38 6.45
O7N NDP C . 10.20 24.30 5.23
N7N NDP C . 10.18 25.57 7.09
C4N NDP C . 11.02 21.97 6.50
C5N NDP C . 11.42 20.85 7.23
C6N NDP C . 11.50 20.85 8.62
P2B NDP C . 15.37 31.08 18.52
O1X NDP C . 14.97 32.44 19.16
O2X NDP C . 15.86 30.04 19.50
O3X NDP C . 16.36 31.25 17.34
PA NDP D . -10.23 -18.16 -27.34
O1A NDP D . -9.00 -18.21 -28.23
O2A NDP D . -11.66 -17.99 -27.90
O5B NDP D . -10.10 -19.42 -26.42
C5B NDP D . -11.13 -19.68 -25.50
C4B NDP D . -11.61 -21.08 -25.68
O4B NDP D . -12.15 -21.70 -24.52
C3B NDP D . -11.33 -22.04 -26.82
O3B NDP D . -10.36 -23.12 -26.61
C2B NDP D . -12.73 -22.56 -26.58
O2B NDP D . -12.83 -23.70 -27.42
C1B NDP D . -12.79 -22.86 -25.07
N9A NDP D . -14.15 -22.85 -24.57
C8A NDP D . -15.19 -21.97 -24.75
N7A NDP D . -16.27 -22.42 -24.04
C5A NDP D . -15.93 -23.60 -23.47
C6A NDP D . -16.53 -24.57 -22.64
N6A NDP D . -17.81 -24.49 -22.23
N1A NDP D . -15.77 -25.67 -22.34
C2A NDP D . -14.50 -25.88 -22.62
N3A NDP D . -13.87 -25.02 -23.42
C4A NDP D . -14.61 -23.87 -23.76
O3 NDP D . -10.05 -16.90 -26.29
PN NDP D . -8.77 -16.47 -25.43
O1N NDP D . -8.40 -15.10 -25.85
O2N NDP D . -7.71 -17.50 -25.51
O5D NDP D . -9.37 -16.37 -23.94
C5D NDP D . -8.82 -17.26 -22.97
C4D NDP D . -9.50 -16.86 -21.68
O4D NDP D . -9.01 -15.53 -21.30
C3D NDP D . -11.07 -16.77 -21.74
O3D NDP D . -11.65 -17.30 -20.53
C2D NDP D . -11.35 -15.27 -21.78
O2D NDP D . -12.57 -14.87 -21.13
C1D NDP D . -10.13 -14.61 -21.06
N1N NDP D . -9.74 -13.26 -21.56
C2N NDP D . -9.24 -13.04 -22.76
C3N NDP D . -8.90 -11.79 -23.19
C7N NDP D . -8.31 -11.48 -24.52
O7N NDP D . -8.01 -10.36 -24.66
N7N NDP D . -8.05 -12.42 -25.41
C4N NDP D . -9.04 -10.70 -22.26
C5N NDP D . -9.54 -10.99 -20.97
C6N NDP D . -9.92 -12.28 -20.69
P2B NDP D . -14.30 -24.33 -27.84
O1X NDP D . -13.77 -25.36 -28.80
O2X NDP D . -14.87 -24.89 -26.58
O3X NDP D . -15.09 -23.22 -28.51
#